data_1A2O
#
_entry.id   1A2O
#
_cell.length_a   163.830
_cell.length_b   100.460
_cell.length_c   53.120
_cell.angle_alpha   90.00
_cell.angle_beta   98.63
_cell.angle_gamma   90.00
#
_symmetry.space_group_name_H-M   'C 1 2 1'
#
loop_
_entity.id
_entity.type
_entity.pdbx_description
1 polymer 'CHEB METHYLESTERASE'
2 water water
#
_entity_poly.entity_id   1
_entity_poly.type   'polypeptide(L)'
_entity_poly.pdbx_seq_one_letter_code
;MSKIRVLSVDDSALMRQIMTEIINSHSDMEMVATAPDPLVARDLIKKFNPDVLTLDVEMPRMDGLDFLEKLMRLRPMPVV
MVSSLTGKGSEVTLRALELGAIDFVTKPQLGIREGMLAYSEMIAEKVRTAARARIAAHKPMAAPTTLKAGPLLSSEKLIA
IGASTGGTEAIRHVLQPLPLSSPAVIITQHMPPGFTRSFAERLNKLCQISVKEAEDGERVLPGHAYIAPGDKHMELARSG
ANYQIKIHDGPPVNRHRPSVDVLFHSVAKHAGRNAVGVILTGMGNDGAAGMLAMYQAGAWTIAQNEASCVVFGMPREAIN
MGGVSEVVDLSQVSQQMLAKISAGQAIRI
;
_entity_poly.pdbx_strand_id   A,B
#
# COMPACT_ATOMS: atom_id res chain seq x y z
N MET A 1 34.02 7.67 3.20
CA MET A 1 34.05 6.67 2.09
C MET A 1 33.64 5.28 2.60
N SER A 2 34.65 4.52 3.02
CA SER A 2 34.49 3.21 3.61
C SER A 2 34.05 3.33 5.06
N LYS A 3 32.86 3.89 5.29
CA LYS A 3 32.33 4.08 6.62
C LYS A 3 31.97 2.79 7.34
N ILE A 4 31.70 1.68 6.64
CA ILE A 4 31.28 0.45 7.33
C ILE A 4 32.47 -0.32 7.90
N ARG A 5 32.46 -0.48 9.22
CA ARG A 5 33.49 -1.16 9.98
C ARG A 5 33.07 -2.60 10.26
N VAL A 6 33.89 -3.55 9.79
CA VAL A 6 33.51 -4.95 10.00
C VAL A 6 34.53 -5.78 10.74
N LEU A 7 34.08 -6.66 11.60
CA LEU A 7 34.80 -7.62 12.40
C LEU A 7 34.35 -9.02 11.93
N SER A 8 35.30 -9.78 11.36
CA SER A 8 35.02 -11.13 10.89
C SER A 8 35.54 -12.16 11.89
N VAL A 9 34.83 -13.27 12.02
CA VAL A 9 35.26 -14.26 12.98
C VAL A 9 35.53 -15.59 12.29
N ASP A 10 36.79 -15.89 12.07
CA ASP A 10 37.16 -17.16 11.47
C ASP A 10 38.45 -17.72 12.08
N ASP A 11 38.34 -18.98 12.45
CA ASP A 11 39.45 -19.76 13.01
C ASP A 11 40.61 -19.87 12.03
N SER A 12 40.34 -19.70 10.73
CA SER A 12 41.38 -19.84 9.72
C SER A 12 42.07 -18.50 9.40
N ALA A 13 43.40 -18.54 9.47
CA ALA A 13 44.22 -17.37 9.19
C ALA A 13 44.02 -16.95 7.74
N LEU A 14 44.21 -17.87 6.80
CA LEU A 14 44.06 -17.55 5.38
C LEU A 14 42.65 -17.05 5.11
N MET A 15 41.65 -17.64 5.75
CA MET A 15 40.27 -17.24 5.63
C MET A 15 40.03 -15.84 6.22
N ARG A 16 40.73 -15.52 7.31
CA ARG A 16 40.62 -14.23 7.95
C ARG A 16 41.26 -13.14 7.11
N GLN A 17 42.25 -13.52 6.32
CA GLN A 17 42.93 -12.55 5.46
C GLN A 17 42.15 -12.33 4.17
N ILE A 18 41.65 -13.41 3.58
CA ILE A 18 40.81 -13.32 2.39
C ILE A 18 39.66 -12.35 2.65
N MET A 19 39.01 -12.49 3.79
CA MET A 19 37.90 -11.62 4.15
C MET A 19 38.35 -10.17 4.26
N THR A 20 39.55 -9.90 4.75
CA THR A 20 39.95 -8.50 4.88
C THR A 20 40.32 -7.95 3.51
N GLU A 21 41.01 -8.76 2.72
CA GLU A 21 41.37 -8.31 1.38
C GLU A 21 40.11 -7.86 0.64
N ILE A 22 39.14 -8.77 0.51
CA ILE A 22 37.93 -8.49 -0.25
C ILE A 22 37.11 -7.37 0.39
N ILE A 23 36.95 -7.37 1.71
CA ILE A 23 36.21 -6.28 2.33
C ILE A 23 36.90 -4.96 1.99
N ASN A 24 38.20 -4.80 2.31
CA ASN A 24 38.91 -3.56 2.01
C ASN A 24 39.01 -3.23 0.53
N SER A 25 38.60 -4.10 -0.39
CA SER A 25 38.68 -3.69 -1.80
C SER A 25 37.49 -2.84 -2.23
N HIS A 26 36.55 -2.57 -1.33
CA HIS A 26 35.40 -1.73 -1.63
C HIS A 26 35.46 -0.38 -0.91
N SER A 27 35.09 0.69 -1.58
CA SER A 27 35.12 2.04 -1.07
C SER A 27 34.24 2.35 0.11
N ASP A 28 33.15 1.62 0.37
CA ASP A 28 32.22 1.95 1.44
C ASP A 28 32.40 1.08 2.68
N MET A 29 33.43 0.28 2.76
CA MET A 29 33.73 -0.60 3.89
C MET A 29 35.22 -0.86 4.11
N GLU A 30 35.56 -1.23 5.33
CA GLU A 30 36.86 -1.53 5.87
C GLU A 30 36.83 -2.59 6.96
N MET A 31 37.88 -3.40 7.07
CA MET A 31 37.98 -4.41 8.10
C MET A 31 38.65 -3.79 9.31
N VAL A 32 37.96 -3.70 10.41
CA VAL A 32 38.42 -3.05 11.63
C VAL A 32 39.27 -4.03 12.42
N ALA A 33 39.03 -5.32 12.18
CA ALA A 33 39.73 -6.38 12.91
C ALA A 33 39.15 -7.74 12.58
N THR A 34 39.81 -8.81 13.02
CA THR A 34 39.35 -10.17 12.80
C THR A 34 39.48 -10.95 14.11
N ALA A 35 38.72 -12.00 14.35
CA ALA A 35 38.83 -12.79 15.55
C ALA A 35 38.79 -14.29 15.20
N PRO A 36 39.59 -15.11 15.85
CA PRO A 36 39.67 -16.54 15.61
C PRO A 36 38.61 -17.39 16.28
N ASP A 37 37.94 -16.85 17.30
CA ASP A 37 36.92 -17.55 18.05
C ASP A 37 35.94 -16.61 18.74
N PRO A 38 34.84 -17.13 19.23
CA PRO A 38 33.81 -16.37 19.92
C PRO A 38 34.27 -15.66 21.18
N LEU A 39 35.49 -15.94 21.67
CA LEU A 39 35.98 -15.30 22.88
C LEU A 39 36.72 -14.00 22.59
N VAL A 40 37.54 -14.09 21.56
CA VAL A 40 38.31 -12.93 21.11
C VAL A 40 37.41 -11.94 20.36
N ALA A 41 36.38 -12.49 19.73
CA ALA A 41 35.40 -11.69 19.00
C ALA A 41 34.63 -10.78 19.97
N ARG A 42 34.27 -11.34 21.11
CA ARG A 42 33.60 -10.65 22.18
C ARG A 42 34.43 -9.44 22.64
N ASP A 43 35.72 -9.70 22.79
CA ASP A 43 36.68 -8.71 23.22
C ASP A 43 36.85 -7.58 22.21
N LEU A 44 37.17 -7.96 20.96
CA LEU A 44 37.39 -6.95 19.92
C LEU A 44 36.13 -6.27 19.41
N ILE A 45 34.94 -6.77 19.71
CA ILE A 45 33.69 -6.10 19.37
C ILE A 45 33.46 -4.94 20.36
N LYS A 46 33.79 -5.23 21.62
CA LYS A 46 33.73 -4.27 22.70
C LYS A 46 34.71 -3.13 22.47
N LYS A 47 35.92 -3.47 22.00
CA LYS A 47 36.96 -2.51 21.70
C LYS A 47 36.76 -1.65 20.47
N PHE A 48 36.39 -2.29 19.36
CA PHE A 48 36.27 -1.55 18.10
C PHE A 48 34.86 -1.11 17.72
N ASN A 49 33.83 -1.46 18.46
CA ASN A 49 32.46 -1.12 18.12
C ASN A 49 32.18 -1.17 16.62
N PRO A 50 32.33 -2.33 15.99
CA PRO A 50 32.07 -2.50 14.57
C PRO A 50 30.60 -2.48 14.19
N ASP A 51 30.29 -2.12 12.95
CA ASP A 51 28.91 -2.03 12.47
C ASP A 51 28.39 -3.40 12.02
N VAL A 52 29.29 -4.19 11.43
CA VAL A 52 28.94 -5.48 10.90
C VAL A 52 29.97 -6.56 11.24
N LEU A 53 29.39 -7.67 11.68
CA LEU A 53 30.00 -8.90 12.11
C LEU A 53 29.75 -10.03 11.11
N THR A 54 30.79 -10.63 10.57
CA THR A 54 30.62 -11.79 9.69
C THR A 54 30.99 -13.01 10.54
N LEU A 55 30.08 -13.98 10.59
CA LEU A 55 30.27 -15.14 11.42
C LEU A 55 30.42 -16.43 10.63
N ASP A 56 31.63 -16.97 10.68
CA ASP A 56 31.82 -18.29 10.09
C ASP A 56 31.62 -19.33 11.21
N VAL A 57 30.52 -20.04 11.16
CA VAL A 57 30.18 -20.97 12.24
C VAL A 57 30.86 -22.34 12.20
N GLU A 58 31.59 -22.76 11.18
CA GLU A 58 32.27 -24.04 11.11
C GLU A 58 33.57 -24.18 11.90
N MET A 59 33.53 -23.85 13.19
CA MET A 59 34.68 -23.94 14.08
C MET A 59 34.39 -24.86 15.26
N PRO A 60 35.26 -25.83 15.52
CA PRO A 60 35.09 -26.81 16.57
C PRO A 60 34.65 -26.28 17.93
N ARG A 61 35.61 -25.82 18.73
CA ARG A 61 35.30 -25.34 20.08
C ARG A 61 34.12 -24.37 20.08
N MET A 62 33.57 -24.11 21.27
CA MET A 62 32.45 -23.18 21.38
C MET A 62 32.27 -22.46 20.05
N ASP A 63 31.22 -22.85 19.31
CA ASP A 63 30.95 -22.26 18.00
C ASP A 63 30.07 -21.02 18.12
N GLY A 64 29.86 -20.40 16.98
CA GLY A 64 29.11 -19.17 16.82
C GLY A 64 27.66 -19.17 17.21
N LEU A 65 27.08 -20.33 17.51
CA LEU A 65 25.68 -20.40 17.87
C LEU A 65 25.39 -19.95 19.29
N ASP A 66 26.28 -20.29 20.21
CA ASP A 66 26.08 -19.94 21.62
C ASP A 66 26.61 -18.54 21.89
N PHE A 67 27.56 -18.01 21.11
CA PHE A 67 28.06 -16.64 21.24
C PHE A 67 27.05 -15.77 20.48
N LEU A 68 26.80 -16.19 19.23
CA LEU A 68 25.79 -15.46 18.46
C LEU A 68 24.51 -15.45 19.31
N GLU A 69 24.17 -16.58 19.91
CA GLU A 69 23.04 -16.68 20.83
C GLU A 69 23.09 -15.64 21.95
N LYS A 70 24.29 -15.40 22.50
CA LYS A 70 24.40 -14.41 23.58
C LYS A 70 24.68 -13.01 23.04
N LEU A 71 25.28 -12.89 21.87
CA LEU A 71 25.55 -11.60 21.24
C LEU A 71 24.26 -10.82 20.99
N MET A 72 23.25 -11.49 20.43
CA MET A 72 21.98 -10.87 20.12
C MET A 72 21.12 -10.71 21.38
N ARG A 73 21.36 -11.57 22.36
CA ARG A 73 20.60 -11.52 23.60
C ARG A 73 21.05 -10.31 24.43
N LEU A 74 22.36 -10.26 24.71
CA LEU A 74 22.89 -9.12 25.47
C LEU A 74 23.52 -8.12 24.54
N ARG A 75 22.72 -7.24 23.96
CA ARG A 75 23.15 -6.17 23.07
C ARG A 75 23.50 -6.63 21.65
N PRO A 76 22.51 -6.72 20.78
CA PRO A 76 22.63 -7.17 19.41
C PRO A 76 23.26 -6.20 18.44
N MET A 77 23.49 -6.59 17.19
CA MET A 77 24.13 -5.78 16.16
C MET A 77 23.98 -6.57 14.86
N PRO A 78 24.33 -6.03 13.71
CA PRO A 78 24.28 -6.71 12.44
C PRO A 78 25.34 -7.80 12.23
N VAL A 79 24.87 -9.01 12.00
CA VAL A 79 25.65 -10.21 11.79
C VAL A 79 25.30 -10.88 10.45
N VAL A 80 26.33 -11.11 9.65
CA VAL A 80 26.23 -11.74 8.35
C VAL A 80 26.99 -13.06 8.34
N MET A 81 26.25 -14.17 8.29
CA MET A 81 26.76 -15.52 8.27
C MET A 81 27.48 -15.94 7.00
N VAL A 82 28.41 -16.88 7.17
CA VAL A 82 29.20 -17.45 6.08
C VAL A 82 29.02 -18.96 6.03
N SER A 83 28.56 -19.52 4.92
CA SER A 83 28.25 -20.94 4.86
C SER A 83 29.02 -21.84 3.91
N SER A 84 28.86 -23.11 4.23
CA SER A 84 29.37 -24.26 3.52
C SER A 84 28.12 -25.07 3.13
N LEU A 85 27.59 -24.64 1.97
CA LEU A 85 26.38 -25.25 1.41
C LEU A 85 26.03 -26.57 2.09
N THR A 86 27.00 -27.48 2.06
CA THR A 86 26.88 -28.81 2.60
C THR A 86 26.02 -28.95 3.83
N GLY A 87 25.33 -30.08 3.89
CA GLY A 87 24.44 -30.57 4.86
C GLY A 87 24.24 -29.94 6.21
N LYS A 88 25.28 -29.88 7.04
CA LYS A 88 25.15 -29.29 8.38
C LYS A 88 25.26 -27.78 8.21
N GLY A 89 25.97 -27.38 7.15
CA GLY A 89 26.16 -25.96 6.86
C GLY A 89 24.81 -25.25 6.92
N SER A 90 23.85 -25.85 6.25
CA SER A 90 22.50 -25.31 6.21
C SER A 90 21.87 -25.30 7.59
N GLU A 91 21.61 -26.48 8.16
CA GLU A 91 20.96 -26.55 9.46
C GLU A 91 21.51 -25.50 10.43
N VAL A 92 22.82 -25.40 10.48
CA VAL A 92 23.49 -24.46 11.37
C VAL A 92 23.20 -23.04 10.90
N THR A 93 23.28 -22.84 9.58
CA THR A 93 22.99 -21.54 8.98
C THR A 93 21.53 -21.11 9.15
N LEU A 94 20.58 -22.02 9.21
CA LEU A 94 19.19 -21.67 9.45
C LEU A 94 18.95 -21.42 10.93
N ARG A 95 19.75 -22.10 11.73
CA ARG A 95 19.69 -21.98 13.20
C ARG A 95 20.09 -20.55 13.54
N ALA A 96 21.20 -20.13 12.97
CA ALA A 96 21.75 -18.79 13.12
C ALA A 96 20.71 -17.75 12.68
N LEU A 97 20.05 -18.04 11.56
CA LEU A 97 19.03 -17.13 11.04
C LEU A 97 17.85 -17.05 12.00
N GLU A 98 17.44 -18.22 12.50
CA GLU A 98 16.30 -18.29 13.43
C GLU A 98 16.71 -17.66 14.76
N LEU A 99 18.02 -17.48 14.93
CA LEU A 99 18.63 -16.87 16.09
C LEU A 99 18.81 -15.36 15.94
N GLY A 100 18.97 -14.91 14.68
CA GLY A 100 19.18 -13.50 14.46
C GLY A 100 20.06 -13.03 13.33
N ALA A 101 20.92 -13.84 12.75
CA ALA A 101 21.74 -13.41 11.64
C ALA A 101 20.79 -12.68 10.69
N ILE A 102 21.26 -11.63 10.06
CA ILE A 102 20.51 -10.90 9.06
C ILE A 102 20.43 -11.70 7.77
N ASP A 103 21.54 -12.26 7.35
CA ASP A 103 21.67 -13.00 6.10
C ASP A 103 22.87 -13.93 6.09
N PHE A 104 23.24 -14.42 4.90
CA PHE A 104 24.38 -15.33 4.83
C PHE A 104 25.01 -15.30 3.44
N VAL A 105 26.27 -15.71 3.37
CA VAL A 105 26.99 -15.85 2.10
C VAL A 105 27.52 -17.28 1.99
N THR A 106 27.65 -17.87 0.82
CA THR A 106 28.15 -19.23 0.68
C THR A 106 29.51 -19.35 -0.01
N LYS A 107 30.31 -20.34 0.39
CA LYS A 107 31.65 -20.61 -0.13
C LYS A 107 32.17 -22.01 0.20
N PRO A 108 31.71 -23.05 -0.47
CA PRO A 108 32.01 -24.44 -0.23
C PRO A 108 33.39 -24.78 0.30
N GLN A 109 33.63 -24.60 1.59
CA GLN A 109 34.94 -24.93 2.16
C GLN A 109 35.96 -23.83 1.86
N LEU A 110 36.04 -23.46 0.59
CA LEU A 110 36.94 -22.41 0.12
C LEU A 110 36.20 -21.66 -1.00
N GLY A 111 36.89 -20.70 -1.62
CA GLY A 111 36.27 -20.00 -2.77
C GLY A 111 36.57 -21.03 -3.89
N ILE A 112 36.22 -22.26 -3.55
CA ILE A 112 36.45 -23.41 -4.42
C ILE A 112 35.14 -23.87 -5.03
N ARG A 113 35.20 -24.45 -6.23
CA ARG A 113 33.98 -24.86 -6.92
C ARG A 113 33.16 -23.62 -7.25
N GLU A 114 33.78 -22.44 -7.06
CA GLU A 114 33.14 -21.15 -7.33
C GLU A 114 34.16 -20.03 -7.51
N GLY A 115 33.77 -18.89 -8.08
CA GLY A 115 34.64 -17.77 -8.39
C GLY A 115 34.74 -16.58 -7.46
N MET A 116 35.96 -16.11 -7.20
CA MET A 116 36.27 -15.03 -6.28
C MET A 116 35.53 -13.71 -6.46
N LEU A 117 35.49 -13.11 -7.63
CA LEU A 117 34.80 -11.83 -7.81
C LEU A 117 33.34 -11.90 -7.39
N ALA A 118 32.61 -12.87 -7.92
CA ALA A 118 31.19 -13.03 -7.65
C ALA A 118 30.97 -13.17 -6.14
N TYR A 119 31.95 -13.81 -5.52
CA TYR A 119 31.93 -14.01 -4.08
C TYR A 119 32.13 -12.68 -3.37
N SER A 120 33.08 -11.88 -3.85
CA SER A 120 33.34 -10.59 -3.26
C SER A 120 32.17 -9.64 -3.40
N GLU A 121 31.46 -9.68 -4.52
CA GLU A 121 30.29 -8.81 -4.67
C GLU A 121 29.13 -9.31 -3.80
N MET A 122 29.10 -10.60 -3.56
CA MET A 122 28.05 -11.16 -2.70
C MET A 122 28.29 -10.65 -1.28
N ILE A 123 29.52 -10.73 -0.82
CA ILE A 123 29.94 -10.29 0.50
C ILE A 123 29.66 -8.81 0.69
N ALA A 124 30.02 -8.09 -0.36
CA ALA A 124 29.87 -6.65 -0.41
C ALA A 124 28.41 -6.22 -0.21
N GLU A 125 27.50 -6.74 -1.04
CA GLU A 125 26.09 -6.39 -0.92
C GLU A 125 25.45 -6.90 0.37
N LYS A 126 25.86 -8.05 0.87
CA LYS A 126 25.28 -8.57 2.11
C LYS A 126 25.63 -7.67 3.31
N VAL A 127 26.85 -7.18 3.30
CA VAL A 127 27.32 -6.28 4.37
C VAL A 127 26.57 -4.95 4.28
N ARG A 128 26.26 -4.50 3.07
CA ARG A 128 25.48 -3.27 2.93
C ARG A 128 24.07 -3.53 3.50
N THR A 129 23.45 -4.63 3.08
CA THR A 129 22.10 -4.95 3.55
C THR A 129 22.06 -5.05 5.06
N ALA A 130 23.08 -5.72 5.63
CA ALA A 130 23.14 -5.89 7.07
C ALA A 130 23.38 -4.54 7.75
N ALA A 131 24.19 -3.67 7.14
CA ALA A 131 24.49 -2.36 7.71
C ALA A 131 23.28 -1.43 7.81
N ARG A 132 22.27 -1.61 6.97
CA ARG A 132 21.10 -0.74 7.02
C ARG A 132 19.92 -1.45 7.65
N ALA A 133 20.07 -2.74 7.89
CA ALA A 133 19.00 -3.58 8.41
C ALA A 133 18.41 -3.05 9.72
N ARG A 134 17.10 -3.23 9.83
CA ARG A 134 16.35 -2.88 11.02
C ARG A 134 16.49 -4.00 12.06
N ILE A 135 17.56 -3.98 12.81
CA ILE A 135 17.88 -4.95 13.84
C ILE A 135 16.77 -5.16 14.86
N ALA A 136 15.99 -4.11 15.11
CA ALA A 136 14.85 -4.24 16.04
C ALA A 136 13.73 -5.15 15.53
N ALA A 137 13.61 -5.40 14.23
CA ALA A 137 12.57 -6.30 13.74
C ALA A 137 12.86 -7.71 14.21
N HIS A 138 14.11 -7.96 14.60
CA HIS A 138 14.54 -9.26 15.08
C HIS A 138 14.43 -9.37 16.61
N LYS A 139 13.80 -8.41 17.24
CA LYS A 139 13.54 -8.53 18.68
C LYS A 139 12.77 -9.83 18.88
N PRO A 140 13.14 -10.68 19.82
CA PRO A 140 12.42 -11.91 20.11
C PRO A 140 10.91 -11.72 20.31
N MET A 141 10.15 -12.49 19.56
CA MET A 141 8.70 -12.34 19.49
C MET A 141 8.00 -13.68 19.27
N ALA A 142 7.09 -14.01 20.17
CA ALA A 142 6.30 -15.22 20.04
C ALA A 142 5.48 -15.09 18.75
N ALA A 143 5.57 -16.13 17.91
CA ALA A 143 4.82 -16.18 16.66
C ALA A 143 3.38 -16.40 17.11
N PRO A 144 2.40 -15.97 16.33
CA PRO A 144 1.06 -16.14 16.80
C PRO A 144 0.54 -17.57 16.72
N THR A 145 -0.48 -17.76 17.55
CA THR A 145 -1.31 -18.96 17.50
C THR A 145 -2.38 -18.47 16.50
N THR A 146 -2.94 -17.30 16.83
CA THR A 146 -3.84 -16.45 16.13
C THR A 146 -4.94 -17.25 15.43
N LEU A 147 -4.68 -17.60 14.17
CA LEU A 147 -5.61 -18.36 13.36
C LEU A 147 -5.30 -19.83 13.57
N LYS A 148 -6.31 -20.65 13.88
CA LYS A 148 -5.99 -22.07 14.10
C LYS A 148 -7.15 -22.97 13.78
N ALA A 149 -8.29 -22.44 13.32
CA ALA A 149 -9.49 -23.22 13.03
C ALA A 149 -10.13 -23.05 11.67
N GLY A 150 -11.00 -24.01 11.26
CA GLY A 150 -11.77 -23.98 10.02
C GLY A 150 -11.90 -25.13 9.07
N PRO A 151 -12.79 -25.14 8.07
CA PRO A 151 -13.01 -26.14 7.04
C PRO A 151 -12.51 -25.83 5.62
N LEU A 152 -12.34 -26.83 4.74
CA LEU A 152 -11.75 -26.72 3.44
C LEU A 152 -12.42 -25.86 2.38
N LEU A 153 -11.66 -24.92 1.81
CA LEU A 153 -12.10 -24.02 0.77
C LEU A 153 -11.97 -24.67 -0.60
N SER A 154 -12.60 -24.00 -1.57
CA SER A 154 -12.46 -24.41 -2.96
C SER A 154 -10.96 -24.54 -3.26
N SER A 155 -10.65 -25.48 -4.15
CA SER A 155 -9.26 -25.66 -4.54
C SER A 155 -8.76 -24.55 -5.46
N GLU A 156 -9.64 -23.60 -5.81
CA GLU A 156 -9.22 -22.46 -6.63
C GLU A 156 -8.54 -21.42 -5.73
N LYS A 157 -8.84 -21.48 -4.44
CA LYS A 157 -8.27 -20.54 -3.47
C LYS A 157 -6.78 -20.83 -3.33
N LEU A 158 -5.98 -19.77 -3.24
CA LEU A 158 -4.52 -19.90 -3.10
C LEU A 158 -3.91 -18.68 -2.45
N ILE A 159 -2.75 -18.77 -1.83
CA ILE A 159 -2.05 -17.65 -1.23
C ILE A 159 -0.62 -17.70 -1.78
N ALA A 160 -0.15 -16.62 -2.37
CA ALA A 160 1.17 -16.58 -2.99
C ALA A 160 2.05 -15.67 -2.14
N ILE A 161 3.33 -15.93 -1.94
CA ILE A 161 4.13 -15.11 -1.03
C ILE A 161 5.56 -14.92 -1.53
N GLY A 162 6.11 -13.73 -1.32
CA GLY A 162 7.47 -13.45 -1.71
C GLY A 162 8.25 -12.81 -0.56
N ALA A 163 9.53 -13.07 -0.42
CA ALA A 163 10.33 -12.52 0.64
C ALA A 163 11.81 -12.62 0.26
N SER A 164 12.67 -11.98 1.02
CA SER A 164 14.10 -12.04 0.80
C SER A 164 14.78 -11.88 2.17
N THR A 165 15.65 -10.88 2.30
CA THR A 165 16.35 -10.66 3.55
C THR A 165 15.45 -10.58 4.76
N GLY A 166 15.61 -11.55 5.65
CA GLY A 166 14.81 -11.65 6.88
C GLY A 166 13.58 -12.52 6.64
N GLY A 167 13.36 -12.94 5.39
CA GLY A 167 12.15 -13.70 5.11
C GLY A 167 12.00 -15.02 5.86
N THR A 168 13.12 -15.72 5.98
CA THR A 168 13.16 -16.99 6.72
C THR A 168 12.40 -16.91 8.03
N GLU A 169 12.55 -15.81 8.77
CA GLU A 169 11.86 -15.69 10.06
C GLU A 169 10.43 -15.21 9.88
N ALA A 170 10.28 -14.32 8.90
CA ALA A 170 8.96 -13.73 8.62
C ALA A 170 8.01 -14.83 8.17
N ILE A 171 8.48 -15.65 7.23
CA ILE A 171 7.68 -16.73 6.67
C ILE A 171 7.09 -17.65 7.74
N ARG A 172 7.90 -17.97 8.72
CA ARG A 172 7.53 -18.82 9.83
C ARG A 172 6.36 -18.22 10.59
N HIS A 173 6.40 -16.89 10.82
CA HIS A 173 5.30 -16.20 11.47
C HIS A 173 4.00 -16.17 10.66
N VAL A 174 4.10 -16.32 9.33
CA VAL A 174 2.89 -16.31 8.52
C VAL A 174 2.31 -17.71 8.42
N LEU A 175 3.18 -18.71 8.34
CA LEU A 175 2.81 -20.10 8.18
C LEU A 175 2.54 -20.88 9.46
N GLN A 176 3.34 -20.70 10.48
CA GLN A 176 3.25 -21.46 11.72
C GLN A 176 1.82 -21.55 12.24
N PRO A 177 1.16 -20.43 12.40
CA PRO A 177 -0.20 -20.41 12.88
C PRO A 177 -1.26 -21.01 11.99
N LEU A 178 -1.00 -21.28 10.70
CA LEU A 178 -2.04 -21.82 9.84
C LEU A 178 -2.54 -23.20 10.26
N PRO A 179 -3.83 -23.46 10.11
CA PRO A 179 -4.45 -24.75 10.28
C PRO A 179 -4.37 -25.70 9.11
N LEU A 180 -4.44 -27.01 9.30
CA LEU A 180 -4.37 -28.00 8.21
C LEU A 180 -5.45 -27.79 7.16
N SER A 181 -6.51 -27.03 7.45
CA SER A 181 -7.57 -26.79 6.47
C SER A 181 -7.31 -25.57 5.56
N SER A 182 -6.14 -24.98 5.70
CA SER A 182 -5.79 -23.79 4.91
C SER A 182 -5.59 -24.05 3.41
N PRO A 183 -5.97 -23.09 2.59
CA PRO A 183 -5.69 -23.10 1.16
C PRO A 183 -4.19 -23.31 0.91
N ALA A 184 -3.83 -23.69 -0.30
CA ALA A 184 -2.44 -23.86 -0.67
C ALA A 184 -1.75 -22.49 -0.56
N VAL A 185 -0.47 -22.55 -0.23
CA VAL A 185 0.40 -21.40 -0.18
C VAL A 185 1.63 -21.66 -1.05
N ILE A 186 1.91 -20.79 -2.01
CA ILE A 186 3.11 -21.01 -2.83
C ILE A 186 4.06 -19.86 -2.52
N ILE A 187 5.34 -20.11 -2.29
CA ILE A 187 6.22 -19.09 -1.77
C ILE A 187 7.58 -18.99 -2.45
N THR A 188 7.99 -17.78 -2.72
CA THR A 188 9.34 -17.59 -3.29
C THR A 188 10.23 -16.75 -2.39
N GLN A 189 11.16 -17.44 -1.76
CA GLN A 189 12.14 -16.85 -0.84
C GLN A 189 13.44 -16.77 -1.62
N HIS A 190 14.03 -15.59 -1.77
CA HIS A 190 15.29 -15.49 -2.49
C HIS A 190 16.33 -16.27 -1.67
N MET A 191 16.69 -17.46 -2.15
CA MET A 191 17.62 -18.32 -1.42
C MET A 191 18.46 -19.12 -2.39
N PRO A 192 19.65 -19.53 -1.99
CA PRO A 192 20.51 -20.37 -2.83
C PRO A 192 19.98 -21.79 -2.87
N PRO A 193 20.36 -22.56 -3.87
CA PRO A 193 19.93 -23.95 -3.99
C PRO A 193 20.40 -24.76 -2.79
N GLY A 194 19.66 -25.80 -2.46
CA GLY A 194 19.96 -26.66 -1.33
C GLY A 194 19.42 -26.08 -0.02
N PHE A 195 19.75 -24.80 0.22
CA PHE A 195 19.27 -24.12 1.41
C PHE A 195 17.75 -24.12 1.45
N THR A 196 17.15 -23.99 0.27
CA THR A 196 15.71 -23.92 0.13
C THR A 196 15.02 -25.18 0.63
N ARG A 197 15.73 -26.29 0.46
CA ARG A 197 15.18 -27.58 0.90
C ARG A 197 15.24 -27.66 2.42
N SER A 198 16.42 -27.38 2.96
CA SER A 198 16.60 -27.41 4.41
C SER A 198 15.61 -26.47 5.10
N PHE A 199 15.43 -25.30 4.50
CA PHE A 199 14.46 -24.32 4.97
C PHE A 199 13.07 -24.98 5.01
N ALA A 200 12.68 -25.54 3.85
CA ALA A 200 11.40 -26.20 3.75
C ALA A 200 11.28 -27.28 4.81
N GLU A 201 12.35 -28.08 5.00
CA GLU A 201 12.23 -29.12 6.02
C GLU A 201 12.13 -28.60 7.44
N ARG A 202 12.67 -27.42 7.72
CA ARG A 202 12.60 -26.88 9.10
C ARG A 202 11.19 -26.35 9.36
N LEU A 203 10.62 -25.70 8.34
CA LEU A 203 9.25 -25.21 8.49
C LEU A 203 8.32 -26.38 8.72
N ASN A 204 8.43 -27.43 7.90
CA ASN A 204 7.57 -28.60 7.94
C ASN A 204 7.44 -29.22 9.31
N LYS A 205 8.50 -29.05 10.09
CA LYS A 205 8.51 -29.50 11.47
C LYS A 205 7.74 -28.53 12.35
N LEU A 206 8.00 -27.23 12.18
CA LEU A 206 7.39 -26.22 13.04
C LEU A 206 5.93 -25.98 12.75
N CYS A 207 5.48 -26.27 11.55
CA CYS A 207 4.09 -26.00 11.21
C CYS A 207 3.18 -27.22 11.28
N GLN A 208 1.88 -26.98 11.39
CA GLN A 208 0.87 -28.01 11.30
C GLN A 208 0.72 -28.38 9.83
N ILE A 209 0.74 -27.39 8.94
CA ILE A 209 0.57 -27.63 7.52
C ILE A 209 1.85 -28.32 7.02
N SER A 210 1.76 -29.00 5.88
CA SER A 210 2.93 -29.60 5.31
C SER A 210 3.72 -28.52 4.56
N VAL A 211 5.04 -28.60 4.59
CA VAL A 211 5.88 -27.62 3.91
C VAL A 211 6.99 -28.38 3.17
N LYS A 212 7.11 -28.13 1.87
CA LYS A 212 8.03 -28.89 1.04
C LYS A 212 8.60 -28.01 -0.04
N GLU A 213 9.71 -28.46 -0.61
CA GLU A 213 10.30 -27.78 -1.76
C GLU A 213 9.50 -28.14 -3.01
N ALA A 214 8.93 -27.14 -3.66
CA ALA A 214 8.10 -27.33 -4.82
C ALA A 214 8.87 -28.13 -5.88
N GLU A 215 8.11 -28.86 -6.69
CA GLU A 215 8.68 -29.66 -7.77
C GLU A 215 7.75 -29.72 -8.97
N ASP A 216 8.35 -29.58 -10.14
CA ASP A 216 7.70 -29.49 -11.43
C ASP A 216 6.54 -30.46 -11.59
N GLY A 217 5.39 -29.98 -12.03
CA GLY A 217 4.23 -30.76 -12.29
C GLY A 217 3.34 -31.15 -11.15
N GLU A 218 3.81 -31.15 -9.91
CA GLU A 218 3.02 -31.56 -8.77
C GLU A 218 1.77 -30.72 -8.57
N ARG A 219 0.75 -31.36 -8.02
CA ARG A 219 -0.52 -30.70 -7.73
C ARG A 219 -0.38 -29.65 -6.61
N VAL A 220 -1.20 -28.63 -6.62
CA VAL A 220 -1.16 -27.56 -5.61
C VAL A 220 -2.40 -27.78 -4.77
N LEU A 221 -2.29 -28.23 -3.52
CA LEU A 221 -3.46 -28.58 -2.69
C LEU A 221 -3.45 -27.96 -1.30
N PRO A 222 -4.63 -27.91 -0.65
CA PRO A 222 -4.74 -27.40 0.70
C PRO A 222 -3.80 -28.05 1.71
N GLY A 223 -3.58 -27.40 2.85
CA GLY A 223 -2.76 -27.98 3.93
C GLY A 223 -1.28 -28.02 3.57
N HIS A 224 -0.93 -27.32 2.50
CA HIS A 224 0.41 -27.30 1.99
C HIS A 224 0.96 -25.90 1.65
N ALA A 225 2.28 -25.86 1.84
CA ALA A 225 3.10 -24.71 1.54
C ALA A 225 4.20 -25.23 0.60
N TYR A 226 4.46 -24.46 -0.46
CA TYR A 226 5.40 -24.88 -1.48
C TYR A 226 6.52 -23.87 -1.60
N ILE A 227 7.75 -24.29 -1.26
CA ILE A 227 8.91 -23.45 -1.32
C ILE A 227 9.65 -23.60 -2.65
N ALA A 228 9.87 -22.49 -3.33
CA ALA A 228 10.61 -22.55 -4.61
C ALA A 228 12.09 -22.91 -4.40
N PRO A 229 12.62 -23.73 -5.29
CA PRO A 229 14.01 -24.13 -5.31
C PRO A 229 14.97 -23.05 -5.78
N GLY A 230 16.14 -22.95 -5.16
CA GLY A 230 17.17 -21.97 -5.49
C GLY A 230 17.69 -22.15 -6.91
N ASP A 231 18.02 -21.06 -7.57
CA ASP A 231 18.56 -21.08 -8.92
C ASP A 231 17.61 -21.70 -9.92
N LYS A 232 16.33 -21.63 -9.63
CA LYS A 232 15.28 -22.08 -10.52
C LYS A 232 14.09 -21.14 -10.23
N HIS A 233 13.30 -20.89 -11.25
CA HIS A 233 12.13 -20.06 -11.09
C HIS A 233 10.91 -20.97 -10.85
N MET A 234 9.99 -20.51 -10.03
CA MET A 234 8.78 -21.23 -9.72
C MET A 234 7.55 -20.41 -10.12
N GLU A 235 6.57 -21.08 -10.71
CA GLU A 235 5.33 -20.38 -11.04
C GLU A 235 4.13 -21.33 -10.90
N LEU A 236 2.98 -20.68 -10.83
CA LEU A 236 1.72 -21.40 -10.90
C LEU A 236 1.39 -21.72 -12.36
N ALA A 237 0.84 -22.90 -12.61
CA ALA A 237 0.46 -23.32 -13.96
C ALA A 237 -0.93 -23.95 -13.80
N ARG A 238 -1.47 -24.45 -14.91
CA ARG A 238 -2.77 -25.09 -14.90
C ARG A 238 -2.87 -26.22 -15.90
N SER A 239 -3.29 -27.39 -15.44
CA SER A 239 -3.44 -28.52 -16.36
C SER A 239 -4.89 -28.96 -16.27
N GLY A 240 -5.62 -28.85 -17.37
CA GLY A 240 -7.05 -29.20 -17.30
C GLY A 240 -7.75 -28.05 -16.59
N ALA A 241 -8.16 -28.31 -15.36
CA ALA A 241 -8.83 -27.30 -14.54
C ALA A 241 -8.30 -27.31 -13.11
N ASN A 242 -7.04 -27.71 -12.98
CA ASN A 242 -6.40 -27.73 -11.68
C ASN A 242 -5.05 -27.06 -11.74
N TYR A 243 -4.66 -26.43 -10.63
CA TYR A 243 -3.34 -25.81 -10.58
C TYR A 243 -2.29 -26.91 -10.61
N GLN A 244 -1.05 -26.55 -10.79
CA GLN A 244 0.09 -27.42 -10.61
C GLN A 244 1.35 -26.56 -10.51
N ILE A 245 2.37 -27.04 -9.82
CA ILE A 245 3.60 -26.28 -9.74
C ILE A 245 4.30 -26.39 -11.10
N LYS A 246 5.09 -25.39 -11.43
CA LYS A 246 5.85 -25.39 -12.66
C LYS A 246 7.20 -24.79 -12.32
N ILE A 247 8.26 -25.51 -12.55
CA ILE A 247 9.61 -25.08 -12.25
C ILE A 247 10.33 -24.82 -13.57
N HIS A 248 11.03 -23.71 -13.70
CA HIS A 248 11.76 -23.51 -14.96
C HIS A 248 13.07 -22.76 -14.75
N ASP A 249 13.92 -22.82 -15.78
CA ASP A 249 15.24 -22.19 -15.68
C ASP A 249 15.36 -20.94 -16.52
N GLY A 250 14.32 -20.11 -16.59
CA GLY A 250 14.38 -18.85 -17.33
C GLY A 250 15.38 -17.92 -16.68
N PRO A 251 15.75 -16.85 -17.34
CA PRO A 251 16.72 -15.90 -16.82
C PRO A 251 16.20 -15.20 -15.55
N PRO A 252 17.09 -14.84 -14.65
CA PRO A 252 16.78 -14.12 -13.45
C PRO A 252 16.03 -12.83 -13.76
N VAL A 253 15.03 -12.51 -12.98
CA VAL A 253 14.22 -11.32 -13.14
C VAL A 253 14.46 -10.48 -11.89
N ASN A 254 14.83 -9.23 -12.09
CA ASN A 254 15.14 -8.35 -10.97
C ASN A 254 16.44 -8.91 -10.42
N ARG A 255 17.15 -9.54 -11.34
CA ARG A 255 18.39 -10.26 -11.12
C ARG A 255 18.24 -11.30 -10.02
N HIS A 256 17.13 -12.01 -10.10
CA HIS A 256 16.80 -13.06 -9.16
C HIS A 256 16.20 -14.31 -9.79
N ARG A 257 16.65 -15.46 -9.30
CA ARG A 257 16.18 -16.76 -9.70
C ARG A 257 16.20 -17.76 -8.60
N PRO A 258 15.21 -18.11 -7.84
CA PRO A 258 13.82 -17.80 -8.04
C PRO A 258 13.42 -16.34 -7.89
N SER A 259 12.48 -15.83 -8.69
CA SER A 259 11.99 -14.46 -8.55
C SER A 259 10.53 -14.37 -8.15
N VAL A 260 10.24 -13.42 -7.27
CA VAL A 260 8.88 -13.15 -6.80
C VAL A 260 7.94 -12.57 -7.84
N ASP A 261 8.46 -11.84 -8.82
CA ASP A 261 7.73 -11.30 -9.95
C ASP A 261 7.24 -12.40 -10.88
N VAL A 262 8.14 -13.29 -11.25
CA VAL A 262 7.91 -14.47 -12.04
C VAL A 262 6.75 -15.29 -11.51
N LEU A 263 6.73 -15.49 -10.20
CA LEU A 263 5.70 -16.19 -9.46
C LEU A 263 4.39 -15.40 -9.38
N PHE A 264 4.50 -14.12 -9.00
CA PHE A 264 3.28 -13.30 -8.85
C PHE A 264 2.60 -13.11 -10.18
N HIS A 265 3.39 -12.90 -11.26
CA HIS A 265 2.77 -12.76 -12.58
C HIS A 265 1.97 -14.01 -12.96
N SER A 266 2.49 -15.20 -12.72
CA SER A 266 1.74 -16.42 -13.05
C SER A 266 0.48 -16.60 -12.22
N VAL A 267 0.47 -16.12 -10.99
CA VAL A 267 -0.70 -16.21 -10.12
C VAL A 267 -1.80 -15.29 -10.61
N ALA A 268 -1.39 -14.10 -11.03
CA ALA A 268 -2.35 -13.10 -11.54
C ALA A 268 -3.06 -13.75 -12.71
N LYS A 269 -2.25 -14.49 -13.48
CA LYS A 269 -2.76 -15.18 -14.67
C LYS A 269 -3.68 -16.36 -14.36
N HIS A 270 -3.21 -17.37 -13.62
CA HIS A 270 -4.05 -18.56 -13.42
C HIS A 270 -4.98 -18.60 -12.23
N ALA A 271 -4.77 -17.82 -11.19
CA ALA A 271 -5.66 -17.83 -10.01
C ALA A 271 -6.51 -16.57 -9.93
N GLY A 272 -6.00 -15.47 -10.50
CA GLY A 272 -6.71 -14.20 -10.48
C GLY A 272 -7.26 -13.77 -9.11
N ARG A 273 -8.57 -13.59 -9.06
CA ARG A 273 -9.37 -13.16 -7.95
C ARG A 273 -9.46 -14.20 -6.85
N ASN A 274 -9.01 -15.41 -7.18
CA ASN A 274 -9.01 -16.50 -6.20
C ASN A 274 -7.70 -16.57 -5.40
N ALA A 275 -6.86 -15.55 -5.53
CA ALA A 275 -5.63 -15.52 -4.77
C ALA A 275 -5.59 -14.37 -3.78
N VAL A 276 -4.69 -14.49 -2.81
CA VAL A 276 -4.29 -13.41 -1.92
C VAL A 276 -2.76 -13.37 -2.06
N GLY A 277 -2.16 -12.20 -2.08
CA GLY A 277 -0.72 -12.03 -2.23
C GLY A 277 -0.18 -11.32 -1.00
N VAL A 278 1.01 -11.66 -0.59
CA VAL A 278 1.72 -11.07 0.55
C VAL A 278 3.18 -10.88 0.15
N ILE A 279 3.65 -9.64 0.25
CA ILE A 279 5.02 -9.27 -0.01
C ILE A 279 5.58 -9.06 1.42
N LEU A 280 6.69 -9.70 1.75
CA LEU A 280 7.31 -9.62 3.05
C LEU A 280 8.70 -8.99 2.95
N THR A 281 9.30 -8.84 4.14
CA THR A 281 10.63 -8.27 4.28
C THR A 281 11.63 -8.68 3.18
N GLY A 282 12.42 -7.70 2.73
CA GLY A 282 13.46 -7.91 1.73
C GLY A 282 13.99 -6.61 1.13
N MET A 283 15.10 -6.71 0.42
CA MET A 283 15.69 -5.60 -0.31
C MET A 283 15.28 -5.67 -1.78
N GLY A 284 15.25 -4.53 -2.48
CA GLY A 284 15.00 -4.41 -3.90
C GLY A 284 13.52 -4.26 -4.31
N ASN A 285 13.19 -4.43 -5.58
CA ASN A 285 11.83 -4.29 -6.06
C ASN A 285 11.21 -5.57 -6.58
N ASP A 286 11.85 -6.69 -6.45
CA ASP A 286 11.31 -7.98 -6.85
C ASP A 286 10.00 -8.25 -6.07
N GLY A 287 8.91 -8.35 -6.82
CA GLY A 287 7.59 -8.61 -6.29
C GLY A 287 6.64 -7.44 -6.44
N ALA A 288 7.15 -6.24 -6.72
CA ALA A 288 6.29 -5.05 -6.83
C ALA A 288 5.42 -5.06 -8.08
N ALA A 289 6.04 -5.26 -9.24
CA ALA A 289 5.27 -5.27 -10.49
C ALA A 289 4.35 -6.48 -10.49
N GLY A 290 4.92 -7.66 -10.20
CA GLY A 290 4.15 -8.91 -10.23
C GLY A 290 2.96 -8.83 -9.29
N MET A 291 3.11 -8.04 -8.20
CA MET A 291 2.02 -7.87 -7.23
C MET A 291 0.91 -6.92 -7.68
N LEU A 292 1.29 -5.91 -8.43
CA LEU A 292 0.30 -4.97 -8.94
C LEU A 292 -0.64 -5.75 -9.88
N ALA A 293 -0.03 -6.62 -10.68
CA ALA A 293 -0.73 -7.45 -11.64
C ALA A 293 -1.69 -8.38 -10.91
N MET A 294 -1.32 -8.80 -9.69
CA MET A 294 -2.21 -9.67 -8.90
C MET A 294 -3.42 -8.85 -8.46
N TYR A 295 -3.14 -7.65 -7.99
CA TYR A 295 -4.14 -6.70 -7.53
C TYR A 295 -5.10 -6.40 -8.69
N GLN A 296 -4.54 -6.30 -9.90
CA GLN A 296 -5.35 -6.02 -11.10
C GLN A 296 -6.23 -7.15 -11.56
N ALA A 297 -5.78 -8.37 -11.40
CA ALA A 297 -6.55 -9.55 -11.80
C ALA A 297 -7.62 -9.78 -10.73
N GLY A 298 -7.60 -9.05 -9.63
CA GLY A 298 -8.66 -9.23 -8.63
C GLY A 298 -8.21 -9.59 -7.21
N ALA A 299 -6.94 -9.94 -7.01
CA ALA A 299 -6.46 -10.36 -5.70
C ALA A 299 -6.30 -9.25 -4.65
N TRP A 300 -6.58 -9.62 -3.41
CA TRP A 300 -6.40 -8.81 -2.21
C TRP A 300 -4.90 -8.93 -1.86
N THR A 301 -4.19 -7.83 -1.77
CA THR A 301 -2.76 -7.86 -1.54
C THR A 301 -2.40 -7.24 -0.17
N ILE A 302 -1.41 -7.87 0.44
CA ILE A 302 -0.91 -7.53 1.75
C ILE A 302 0.58 -7.30 1.66
N ALA A 303 1.05 -6.25 2.32
CA ALA A 303 2.47 -5.97 2.39
C ALA A 303 2.83 -5.86 3.86
N GLN A 304 3.98 -6.38 4.29
CA GLN A 304 4.43 -6.25 5.67
C GLN A 304 4.74 -4.79 6.01
N ASN A 305 4.37 -4.35 7.22
CA ASN A 305 4.61 -2.95 7.59
C ASN A 305 6.10 -2.70 7.85
N GLU A 306 6.54 -1.46 7.79
CA GLU A 306 7.93 -1.07 8.00
C GLU A 306 8.53 -1.46 9.33
N ALA A 307 7.89 -1.17 10.45
CA ALA A 307 8.40 -1.57 11.76
C ALA A 307 8.48 -3.08 12.00
N SER A 308 7.91 -3.92 11.16
CA SER A 308 8.01 -5.35 11.29
C SER A 308 9.21 -5.90 10.48
N CYS A 309 9.59 -5.13 9.47
CA CYS A 309 10.54 -5.58 8.51
C CYS A 309 11.98 -5.33 8.95
N VAL A 310 12.80 -6.36 8.67
CA VAL A 310 14.24 -6.12 8.93
C VAL A 310 14.64 -5.23 7.75
N VAL A 311 14.11 -5.58 6.57
CA VAL A 311 14.28 -4.83 5.34
C VAL A 311 12.93 -4.49 4.68
N PHE A 312 12.60 -3.20 4.67
CA PHE A 312 11.35 -2.68 4.13
C PHE A 312 11.37 -2.54 2.61
N GLY A 313 12.53 -2.66 1.99
CA GLY A 313 12.62 -2.47 0.54
C GLY A 313 11.46 -2.96 -0.29
N MET A 314 11.27 -4.28 -0.28
CA MET A 314 10.33 -4.97 -1.16
C MET A 314 8.89 -4.60 -0.92
N PRO A 315 8.45 -4.64 0.31
CA PRO A 315 7.08 -4.23 0.57
C PRO A 315 6.89 -2.80 0.11
N ARG A 316 7.85 -1.92 0.39
CA ARG A 316 7.77 -0.51 0.09
C ARG A 316 7.43 -0.29 -1.39
N GLU A 317 8.24 -0.86 -2.25
CA GLU A 317 8.10 -0.82 -3.69
C GLU A 317 6.75 -1.29 -4.19
N ALA A 318 6.29 -2.40 -3.59
CA ALA A 318 5.00 -2.97 -3.98
C ALA A 318 3.93 -1.91 -3.66
N ILE A 319 4.06 -1.33 -2.48
CA ILE A 319 3.09 -0.32 -2.06
C ILE A 319 3.09 0.92 -2.94
N ASN A 320 4.27 1.41 -3.27
CA ASN A 320 4.45 2.62 -4.04
C ASN A 320 4.09 2.40 -5.49
N MET A 321 3.63 1.18 -5.77
CA MET A 321 3.14 0.98 -7.14
C MET A 321 1.63 0.98 -7.16
N GLY A 322 0.99 1.07 -5.99
CA GLY A 322 -0.43 0.99 -5.89
C GLY A 322 -0.92 -0.45 -6.12
N GLY A 323 -0.05 -1.43 -5.89
CA GLY A 323 -0.52 -2.83 -6.04
C GLY A 323 -0.94 -3.47 -4.73
N VAL A 324 -1.00 -2.71 -3.64
CA VAL A 324 -1.33 -3.29 -2.33
C VAL A 324 -2.66 -2.86 -1.73
N SER A 325 -3.43 -3.79 -1.24
CA SER A 325 -4.72 -3.54 -0.63
C SER A 325 -4.54 -3.09 0.82
N GLU A 326 -3.53 -3.56 1.55
CA GLU A 326 -3.28 -3.08 2.90
C GLU A 326 -1.91 -3.49 3.44
N VAL A 327 -1.44 -2.70 4.38
CA VAL A 327 -0.14 -2.92 5.02
C VAL A 327 -0.55 -3.56 6.36
N VAL A 328 0.07 -4.67 6.70
CA VAL A 328 -0.25 -5.35 7.97
C VAL A 328 1.03 -5.58 8.76
N ASP A 329 0.92 -5.59 10.07
CA ASP A 329 1.99 -5.99 10.97
C ASP A 329 2.26 -7.48 10.73
N LEU A 330 3.53 -7.89 10.80
CA LEU A 330 3.83 -9.31 10.57
C LEU A 330 2.98 -10.26 11.41
N SER A 331 2.69 -9.86 12.64
CA SER A 331 1.96 -10.66 13.60
C SER A 331 0.45 -10.75 13.35
N GLN A 332 0.00 -10.06 12.32
CA GLN A 332 -1.40 -10.15 11.94
C GLN A 332 -1.56 -10.76 10.53
N VAL A 333 -0.46 -10.83 9.81
CA VAL A 333 -0.47 -11.32 8.43
C VAL A 333 -1.11 -12.68 8.27
N SER A 334 -0.80 -13.65 9.12
CA SER A 334 -1.35 -14.99 8.97
C SER A 334 -2.87 -14.98 9.07
N GLN A 335 -3.34 -14.29 10.12
CA GLN A 335 -4.77 -14.20 10.39
C GLN A 335 -5.48 -13.40 9.29
N GLN A 336 -4.82 -12.41 8.70
CA GLN A 336 -5.44 -11.61 7.67
C GLN A 336 -5.45 -12.33 6.32
N MET A 337 -4.34 -12.94 5.92
CA MET A 337 -4.34 -13.66 4.65
C MET A 337 -5.38 -14.80 4.75
N LEU A 338 -5.47 -15.43 5.92
CA LEU A 338 -6.43 -16.54 6.02
C LEU A 338 -7.87 -16.03 5.96
N ALA A 339 -8.13 -14.91 6.62
CA ALA A 339 -9.48 -14.35 6.59
C ALA A 339 -9.83 -13.79 5.22
N LYS A 340 -8.88 -13.29 4.43
CA LYS A 340 -9.16 -12.72 3.14
C LYS A 340 -9.52 -13.82 2.13
N ILE A 341 -8.72 -14.89 2.10
CA ILE A 341 -8.99 -15.96 1.17
C ILE A 341 -10.26 -16.72 1.48
N SER A 342 -10.69 -16.73 2.72
CA SER A 342 -11.88 -17.41 3.16
C SER A 342 -13.20 -16.70 3.02
N ALA A 343 -13.27 -15.49 2.47
CA ALA A 343 -14.54 -14.80 2.31
C ALA A 343 -15.09 -14.77 0.89
N GLY A 344 -16.07 -15.59 0.55
CA GLY A 344 -16.71 -15.61 -0.75
C GLY A 344 -15.98 -16.36 -1.85
N GLN A 345 -16.09 -15.85 -3.08
CA GLN A 345 -15.51 -16.29 -4.32
C GLN A 345 -15.81 -17.70 -4.81
N ALA A 346 -15.91 -18.69 -3.93
CA ALA A 346 -16.26 -20.05 -4.37
C ALA A 346 -17.65 -19.98 -4.99
N ILE A 347 -18.44 -19.13 -4.32
CA ILE A 347 -19.80 -18.83 -4.74
C ILE A 347 -19.70 -17.70 -5.76
N MET B 1 -35.74 3.48 -20.57
CA MET B 1 -35.67 4.40 -19.40
C MET B 1 -35.56 3.55 -18.14
N SER B 2 -35.84 4.11 -16.97
CA SER B 2 -35.86 3.38 -15.72
C SER B 2 -35.06 2.09 -15.72
N LYS B 3 -33.74 2.19 -15.80
CA LYS B 3 -32.85 1.04 -15.85
C LYS B 3 -31.95 0.78 -14.65
N ILE B 4 -31.34 1.81 -14.07
CA ILE B 4 -30.50 1.60 -12.87
C ILE B 4 -31.40 1.11 -11.73
N ARG B 5 -31.00 0.00 -11.14
CA ARG B 5 -31.76 -0.60 -10.05
C ARG B 5 -31.19 -0.16 -8.72
N VAL B 6 -32.00 0.48 -7.87
CA VAL B 6 -31.48 0.87 -6.56
C VAL B 6 -32.30 0.33 -5.42
N LEU B 7 -31.65 0.11 -4.29
CA LEU B 7 -32.23 -0.42 -3.06
C LEU B 7 -31.86 0.59 -1.94
N SER B 8 -32.87 1.23 -1.36
CA SER B 8 -32.65 2.21 -0.33
C SER B 8 -33.00 1.64 1.05
N VAL B 9 -32.04 1.75 1.96
CA VAL B 9 -32.20 1.28 3.33
C VAL B 9 -32.63 2.47 4.16
N ASP B 10 -33.58 2.33 5.04
CA ASP B 10 -34.08 3.48 5.79
C ASP B 10 -34.95 3.05 6.96
N ASP B 11 -34.78 3.72 8.09
CA ASP B 11 -35.50 3.43 9.32
C ASP B 11 -36.99 3.71 9.15
N SER B 12 -37.33 4.83 8.51
CA SER B 12 -38.71 5.23 8.34
C SER B 12 -39.37 4.69 7.08
N ALA B 13 -40.59 4.19 7.29
CA ALA B 13 -41.44 3.62 6.26
C ALA B 13 -41.99 4.69 5.32
N LEU B 14 -42.37 5.84 5.85
CA LEU B 14 -42.83 6.94 4.96
C LEU B 14 -41.64 7.34 4.09
N MET B 15 -40.50 7.57 4.73
CA MET B 15 -39.28 7.95 4.03
C MET B 15 -38.92 6.89 3.00
N ARG B 16 -39.14 5.61 3.34
CA ARG B 16 -38.86 4.56 2.37
C ARG B 16 -39.78 4.65 1.16
N GLN B 17 -41.04 4.96 1.41
CA GLN B 17 -42.00 5.14 0.33
C GLN B 17 -41.80 6.44 -0.46
N ILE B 18 -41.34 7.49 0.22
CA ILE B 18 -41.06 8.74 -0.43
C ILE B 18 -39.85 8.47 -1.33
N MET B 19 -38.82 7.82 -0.79
CA MET B 19 -37.60 7.54 -1.57
C MET B 19 -37.93 6.76 -2.85
N THR B 20 -38.87 5.82 -2.76
CA THR B 20 -39.24 5.06 -3.95
C THR B 20 -39.83 5.99 -5.01
N GLU B 21 -40.75 6.87 -4.60
CA GLU B 21 -41.34 7.82 -5.56
C GLU B 21 -40.31 8.72 -6.22
N ILE B 22 -39.35 9.27 -5.46
CA ILE B 22 -38.37 10.14 -6.15
C ILE B 22 -37.47 9.34 -7.10
N ILE B 23 -37.12 8.10 -6.77
CA ILE B 23 -36.34 7.26 -7.66
C ILE B 23 -37.17 6.89 -8.89
N ASN B 24 -38.34 6.30 -8.61
CA ASN B 24 -39.30 5.90 -9.62
C ASN B 24 -39.97 7.21 -10.07
N SER B 25 -39.30 7.95 -10.91
CA SER B 25 -39.73 9.26 -11.32
C SER B 25 -38.61 9.83 -12.19
N HIS B 26 -37.52 9.05 -12.24
CA HIS B 26 -36.39 9.39 -13.09
C HIS B 26 -36.33 8.28 -14.15
N SER B 27 -36.56 8.68 -15.39
CA SER B 27 -36.59 7.79 -16.54
C SER B 27 -35.21 7.26 -16.88
N ASP B 28 -34.63 6.49 -15.98
CA ASP B 28 -33.32 5.89 -16.19
C ASP B 28 -33.01 5.04 -14.97
N MET B 29 -33.87 5.11 -13.95
CA MET B 29 -33.64 4.34 -12.72
C MET B 29 -34.94 3.75 -12.18
N GLU B 30 -34.84 2.81 -11.23
CA GLU B 30 -35.99 2.17 -10.64
C GLU B 30 -35.68 1.65 -9.24
N MET B 31 -36.67 1.74 -8.33
CA MET B 31 -36.49 1.24 -6.97
C MET B 31 -36.86 -0.25 -6.95
N VAL B 32 -35.87 -1.11 -7.00
CA VAL B 32 -36.11 -2.55 -7.01
C VAL B 32 -36.72 -3.02 -5.69
N ALA B 33 -36.32 -2.37 -4.62
CA ALA B 33 -36.78 -2.70 -3.27
C ALA B 33 -36.25 -1.68 -2.24
N THR B 34 -36.58 -1.86 -0.99
CA THR B 34 -36.18 -1.00 0.12
C THR B 34 -36.05 -1.88 1.36
N ALA B 35 -35.34 -1.43 2.37
CA ALA B 35 -35.13 -2.22 3.58
C ALA B 35 -35.09 -1.29 4.78
N PRO B 36 -35.66 -1.69 5.91
CA PRO B 36 -35.68 -0.89 7.10
C PRO B 36 -34.38 -0.96 7.89
N ASP B 37 -33.56 -1.98 7.69
CA ASP B 37 -32.36 -2.10 8.52
C ASP B 37 -31.25 -2.90 7.85
N PRO B 38 -30.12 -2.99 8.51
CA PRO B 38 -28.96 -3.69 7.99
C PRO B 38 -29.14 -5.17 7.79
N LEU B 39 -29.87 -5.91 8.62
CA LEU B 39 -29.97 -7.35 8.39
C LEU B 39 -30.93 -7.75 7.28
N VAL B 40 -31.95 -6.92 7.04
CA VAL B 40 -32.89 -7.21 5.96
C VAL B 40 -32.22 -6.74 4.67
N ALA B 41 -31.48 -5.64 4.82
CA ALA B 41 -30.75 -5.07 3.70
C ALA B 41 -29.84 -6.11 3.05
N ARG B 42 -28.96 -6.72 3.85
CA ARG B 42 -28.02 -7.69 3.33
C ARG B 42 -28.74 -8.74 2.50
N ASP B 43 -29.93 -9.12 2.94
CA ASP B 43 -30.76 -10.09 2.23
C ASP B 43 -31.23 -9.60 0.87
N LEU B 44 -31.97 -8.49 0.86
CA LEU B 44 -32.50 -7.98 -0.41
C LEU B 44 -31.36 -7.71 -1.38
N ILE B 45 -30.20 -7.40 -0.79
CA ILE B 45 -29.03 -7.11 -1.60
C ILE B 45 -28.63 -8.35 -2.41
N LYS B 46 -28.47 -9.47 -1.72
CA LYS B 46 -28.10 -10.71 -2.42
C LYS B 46 -29.19 -11.23 -3.34
N LYS B 47 -30.45 -10.99 -3.02
CA LYS B 47 -31.57 -11.46 -3.83
C LYS B 47 -31.87 -10.57 -5.01
N PHE B 48 -32.02 -9.27 -4.77
CA PHE B 48 -32.36 -8.31 -5.81
C PHE B 48 -31.13 -7.83 -6.57
N ASN B 49 -29.98 -7.97 -5.95
CA ASN B 49 -28.68 -7.57 -6.51
C ASN B 49 -28.74 -6.25 -7.29
N PRO B 50 -28.95 -5.16 -6.55
CA PRO B 50 -29.10 -3.82 -7.09
C PRO B 50 -27.84 -3.21 -7.70
N ASP B 51 -28.03 -2.16 -8.51
CA ASP B 51 -26.92 -1.46 -9.12
C ASP B 51 -26.41 -0.35 -8.20
N VAL B 52 -27.34 0.18 -7.40
CA VAL B 52 -27.00 1.26 -6.48
C VAL B 52 -27.73 1.09 -5.17
N LEU B 53 -27.06 1.40 -4.07
CA LEU B 53 -27.54 1.35 -2.71
C LEU B 53 -27.52 2.75 -2.07
N THR B 54 -28.58 3.07 -1.34
CA THR B 54 -28.61 4.35 -0.61
C THR B 54 -28.70 3.98 0.88
N LEU B 55 -27.90 4.60 1.71
CA LEU B 55 -27.79 4.35 3.12
C LEU B 55 -27.93 5.61 3.96
N ASP B 56 -29.00 5.65 4.73
CA ASP B 56 -29.26 6.65 5.74
C ASP B 56 -28.86 6.01 7.08
N VAL B 57 -27.56 5.93 7.35
CA VAL B 57 -27.08 5.28 8.56
C VAL B 57 -27.31 6.13 9.81
N GLU B 58 -28.58 6.31 10.12
CA GLU B 58 -29.04 6.99 11.33
C GLU B 58 -30.10 5.98 11.79
N MET B 59 -29.66 4.73 11.66
CA MET B 59 -30.36 3.51 11.98
C MET B 59 -29.32 2.55 12.54
N PRO B 60 -29.32 2.37 13.84
CA PRO B 60 -28.35 1.56 14.56
C PRO B 60 -28.47 0.05 14.40
N ARG B 61 -28.54 -0.67 15.51
CA ARG B 61 -28.70 -2.12 15.53
C ARG B 61 -27.67 -2.78 14.62
N MET B 62 -26.55 -3.20 15.20
CA MET B 62 -25.51 -3.79 14.35
C MET B 62 -25.03 -2.64 13.47
N ASP B 63 -25.04 -1.47 14.11
CA ASP B 63 -24.66 -0.20 13.53
C ASP B 63 -24.43 -0.29 12.03
N GLY B 64 -25.23 0.48 11.30
CA GLY B 64 -25.12 0.56 9.84
C GLY B 64 -23.69 0.74 9.33
N LEU B 65 -22.86 1.44 10.10
CA LEU B 65 -21.46 1.63 9.66
C LEU B 65 -20.76 0.27 9.61
N ASP B 66 -21.10 -0.54 10.62
CA ASP B 66 -20.58 -1.90 10.71
C ASP B 66 -21.14 -2.66 9.52
N PHE B 67 -22.40 -2.34 9.22
CA PHE B 67 -23.02 -2.94 8.03
C PHE B 67 -22.18 -2.53 6.83
N LEU B 68 -22.23 -1.26 6.43
CA LEU B 68 -21.47 -0.79 5.27
C LEU B 68 -20.06 -1.35 5.25
N GLU B 69 -19.45 -1.36 6.43
CA GLU B 69 -18.08 -1.87 6.58
C GLU B 69 -17.99 -3.32 6.11
N LYS B 70 -18.87 -4.18 6.62
CA LYS B 70 -18.83 -5.58 6.19
C LYS B 70 -19.49 -5.85 4.84
N LEU B 71 -20.44 -5.02 4.46
CA LEU B 71 -21.01 -5.06 3.12
C LEU B 71 -19.84 -4.79 2.17
N MET B 72 -19.37 -3.55 2.16
CA MET B 72 -18.27 -3.11 1.31
C MET B 72 -17.10 -4.07 1.38
N ARG B 73 -16.86 -4.58 2.59
CA ARG B 73 -15.78 -5.52 2.83
C ARG B 73 -15.97 -6.82 2.06
N LEU B 74 -17.22 -7.28 2.01
CA LEU B 74 -17.52 -8.53 1.35
C LEU B 74 -18.37 -8.45 0.10
N ARG B 75 -19.55 -7.83 0.18
CA ARG B 75 -20.49 -7.73 -0.94
C ARG B 75 -20.64 -6.30 -1.44
N PRO B 76 -19.59 -5.74 -2.01
CA PRO B 76 -19.53 -4.38 -2.47
C PRO B 76 -20.12 -3.99 -3.81
N MET B 77 -20.73 -2.80 -3.87
CA MET B 77 -21.36 -2.13 -5.00
C MET B 77 -21.35 -0.64 -4.69
N PRO B 78 -21.78 0.19 -5.61
CA PRO B 78 -21.84 1.64 -5.32
C PRO B 78 -22.75 1.96 -4.13
N VAL B 79 -22.27 2.70 -3.15
CA VAL B 79 -23.10 3.11 -2.04
C VAL B 79 -23.17 4.64 -1.95
N VAL B 80 -24.37 5.18 -2.07
CA VAL B 80 -24.63 6.60 -1.90
C VAL B 80 -25.25 6.84 -0.53
N MET B 81 -24.58 7.51 0.39
CA MET B 81 -25.06 7.82 1.71
C MET B 81 -26.07 8.96 1.74
N VAL B 82 -26.99 8.91 2.69
CA VAL B 82 -27.98 9.98 2.81
C VAL B 82 -27.70 10.67 4.14
N SER B 83 -27.13 11.86 4.13
CA SER B 83 -26.80 12.50 5.40
C SER B 83 -27.50 13.82 5.69
N SER B 84 -27.50 14.16 6.97
CA SER B 84 -28.04 15.42 7.47
C SER B 84 -26.98 16.47 7.79
N LEU B 85 -27.22 17.71 7.37
CA LEU B 85 -26.32 18.83 7.63
C LEU B 85 -26.21 19.04 9.15
N THR B 86 -25.49 18.16 9.80
CA THR B 86 -25.36 18.21 11.24
C THR B 86 -23.90 17.97 11.64
N GLY B 87 -23.67 17.74 12.92
CA GLY B 87 -22.30 17.47 13.38
C GLY B 87 -22.08 15.96 13.20
N LYS B 88 -22.83 15.20 14.00
CA LYS B 88 -22.75 13.74 13.95
C LYS B 88 -22.80 13.28 12.49
N GLY B 89 -23.92 13.56 11.85
CA GLY B 89 -24.02 13.24 10.41
C GLY B 89 -23.06 14.28 9.82
N SER B 90 -22.00 13.82 9.20
CA SER B 90 -20.93 14.68 8.70
C SER B 90 -19.67 13.90 9.11
N GLU B 91 -19.71 13.46 10.36
CA GLU B 91 -18.72 12.58 10.94
C GLU B 91 -18.92 11.18 10.36
N VAL B 92 -20.17 10.77 10.44
CA VAL B 92 -20.65 9.48 9.97
C VAL B 92 -20.38 9.32 8.48
N THR B 93 -20.75 10.35 7.72
CA THR B 93 -20.58 10.42 6.29
C THR B 93 -19.10 10.31 5.90
N LEU B 94 -18.23 11.08 6.56
CA LEU B 94 -16.82 10.98 6.20
C LEU B 94 -16.24 9.62 6.58
N ARG B 95 -16.77 9.04 7.65
CA ARG B 95 -16.31 7.72 8.06
C ARG B 95 -16.75 6.67 7.05
N ALA B 96 -17.99 6.84 6.57
CA ALA B 96 -18.55 5.88 5.61
C ALA B 96 -17.84 5.98 4.27
N LEU B 97 -17.42 7.19 3.92
CA LEU B 97 -16.75 7.42 2.63
C LEU B 97 -15.40 6.70 2.61
N GLU B 98 -14.64 6.85 3.69
CA GLU B 98 -13.29 6.26 3.73
C GLU B 98 -13.43 4.79 4.07
N LEU B 99 -14.62 4.41 4.57
CA LEU B 99 -14.95 3.04 4.91
C LEU B 99 -15.73 2.38 3.78
N GLY B 100 -15.62 2.87 2.54
CA GLY B 100 -16.35 2.29 1.45
C GLY B 100 -17.33 3.07 0.62
N ALA B 101 -18.19 3.92 1.22
CA ALA B 101 -19.18 4.68 0.46
C ALA B 101 -18.56 5.32 -0.77
N ILE B 102 -19.35 5.68 -1.78
CA ILE B 102 -18.78 6.30 -2.97
C ILE B 102 -19.11 7.78 -3.05
N ASP B 103 -20.31 8.14 -2.55
CA ASP B 103 -20.74 9.54 -2.51
C ASP B 103 -21.84 9.71 -1.46
N PHE B 104 -22.37 10.92 -1.36
CA PHE B 104 -23.45 11.20 -0.42
C PHE B 104 -24.35 12.32 -0.92
N VAL B 105 -25.53 12.38 -0.33
CA VAL B 105 -26.49 13.44 -0.59
C VAL B 105 -26.84 14.10 0.75
N THR B 106 -27.25 15.35 0.75
CA THR B 106 -27.70 16.01 1.98
C THR B 106 -29.17 16.39 1.73
N LYS B 107 -29.88 16.86 2.73
CA LYS B 107 -31.25 17.37 2.55
C LYS B 107 -31.15 18.85 2.20
N PRO B 108 -31.00 19.19 0.94
CA PRO B 108 -30.83 20.56 0.48
C PRO B 108 -31.36 21.60 1.44
N GLN B 109 -30.48 22.29 2.18
CA GLN B 109 -30.82 23.38 3.09
C GLN B 109 -32.02 23.01 3.99
N LEU B 110 -31.84 23.00 5.31
CA LEU B 110 -32.95 22.69 6.21
C LEU B 110 -33.81 23.94 6.41
N GLY B 111 -34.26 24.47 5.29
CA GLY B 111 -35.12 25.64 5.21
C GLY B 111 -35.22 26.00 3.71
N ILE B 112 -35.73 27.20 3.45
CA ILE B 112 -35.84 27.83 2.17
C ILE B 112 -36.69 27.30 1.00
N ARG B 113 -36.24 27.68 -0.19
CA ARG B 113 -36.75 27.44 -1.51
C ARG B 113 -36.25 26.15 -2.17
N GLU B 114 -35.01 25.74 -1.90
CA GLU B 114 -34.43 24.49 -2.41
C GLU B 114 -34.95 23.32 -1.58
N GLY B 115 -35.91 22.48 -1.97
CA GLY B 115 -36.43 21.45 -1.09
C GLY B 115 -36.42 20.03 -1.65
N MET B 116 -37.58 19.39 -1.53
CA MET B 116 -37.79 18.04 -2.02
C MET B 116 -37.36 17.96 -3.49
N LEU B 117 -37.65 19.05 -4.19
CA LEU B 117 -37.36 19.14 -5.61
C LEU B 117 -35.86 19.22 -5.82
N ALA B 118 -35.19 19.81 -4.83
CA ALA B 118 -33.73 19.89 -4.93
C ALA B 118 -33.19 18.50 -4.62
N TYR B 119 -33.64 18.01 -3.47
CA TYR B 119 -33.25 16.69 -2.97
C TYR B 119 -33.45 15.59 -4.00
N SER B 120 -34.63 15.58 -4.60
CA SER B 120 -34.96 14.58 -5.61
C SER B 120 -33.93 14.62 -6.74
N GLU B 121 -33.56 15.79 -7.21
CA GLU B 121 -32.61 15.91 -8.32
C GLU B 121 -31.16 15.65 -7.93
N MET B 122 -30.79 15.99 -6.71
CA MET B 122 -29.50 15.69 -6.13
C MET B 122 -29.33 14.17 -6.08
N ILE B 123 -30.40 13.50 -5.60
CA ILE B 123 -30.39 12.06 -5.44
C ILE B 123 -30.09 11.37 -6.75
N ALA B 124 -30.76 11.87 -7.79
CA ALA B 124 -30.67 11.34 -9.15
C ALA B 124 -29.29 11.48 -9.76
N GLU B 125 -28.64 12.62 -9.59
CA GLU B 125 -27.29 12.82 -10.11
C GLU B 125 -26.33 11.91 -9.36
N LYS B 126 -26.60 11.63 -8.09
CA LYS B 126 -25.74 10.78 -7.27
C LYS B 126 -25.85 9.31 -7.65
N VAL B 127 -27.07 8.90 -7.95
CA VAL B 127 -27.36 7.53 -8.35
C VAL B 127 -26.68 7.26 -9.68
N ARG B 128 -26.85 8.21 -10.60
CA ARG B 128 -26.25 8.12 -11.94
C ARG B 128 -24.71 8.11 -11.87
N THR B 129 -24.12 9.02 -11.13
CA THR B 129 -22.66 9.02 -10.99
C THR B 129 -22.22 7.64 -10.46
N ALA B 130 -22.86 7.20 -9.39
CA ALA B 130 -22.50 5.93 -8.78
C ALA B 130 -22.61 4.78 -9.76
N ALA B 131 -23.72 4.61 -10.44
CA ALA B 131 -23.88 3.51 -11.39
C ALA B 131 -22.77 3.53 -12.44
N ARG B 132 -22.27 4.72 -12.77
CA ARG B 132 -21.27 4.86 -13.82
C ARG B 132 -19.84 4.83 -13.32
N ALA B 133 -19.64 4.76 -12.03
CA ALA B 133 -18.35 4.82 -11.37
C ALA B 133 -17.51 3.57 -11.59
N ARG B 134 -16.19 3.75 -11.64
CA ARG B 134 -15.23 2.66 -11.70
C ARG B 134 -14.87 2.26 -10.26
N ILE B 135 -15.74 1.47 -9.63
CA ILE B 135 -15.49 1.10 -8.24
C ILE B 135 -14.13 0.43 -8.10
N ALA B 136 -13.54 -0.05 -9.17
CA ALA B 136 -12.21 -0.67 -9.10
C ALA B 136 -11.10 0.34 -8.79
N ALA B 137 -11.43 1.62 -8.89
CA ALA B 137 -10.53 2.71 -8.55
C ALA B 137 -10.87 3.06 -7.10
N HIS B 138 -11.99 2.44 -6.72
CA HIS B 138 -12.55 2.71 -5.38
C HIS B 138 -12.22 1.67 -4.35
N LYS B 139 -11.68 0.52 -4.75
CA LYS B 139 -11.29 -0.50 -3.77
C LYS B 139 -10.03 -0.14 -2.97
N PRO B 140 -9.85 -0.76 -1.80
CA PRO B 140 -8.72 -0.51 -0.93
C PRO B 140 -7.40 -0.63 -1.64
N MET B 141 -6.57 0.35 -1.33
CA MET B 141 -5.23 0.57 -1.86
C MET B 141 -4.48 1.34 -0.77
N ALA B 142 -3.37 0.73 -0.31
CA ALA B 142 -2.56 1.44 0.67
C ALA B 142 -2.04 2.76 0.07
N ALA B 143 -2.06 3.85 0.85
CA ALA B 143 -1.56 5.11 0.35
C ALA B 143 -0.06 4.92 0.18
N PRO B 144 0.61 5.71 -0.66
CA PRO B 144 2.02 5.54 -0.90
C PRO B 144 2.86 5.98 0.31
N THR B 145 4.10 5.51 0.35
CA THR B 145 5.14 5.90 1.28
C THR B 145 5.81 7.20 0.70
N THR B 146 6.39 6.94 -0.42
CA THR B 146 7.15 7.40 -1.50
C THR B 146 7.65 8.82 -1.72
N LEU B 147 6.91 9.75 -1.18
CA LEU B 147 7.23 11.17 -1.38
C LEU B 147 7.53 11.72 -0.02
N LYS B 148 8.82 11.66 0.38
CA LYS B 148 9.24 12.08 1.71
C LYS B 148 10.71 12.46 1.85
N ALA B 149 10.92 13.54 2.60
CA ALA B 149 12.07 14.21 3.12
C ALA B 149 12.57 15.38 2.31
N GLY B 150 13.23 16.41 2.86
CA GLY B 150 13.78 17.54 2.14
C GLY B 150 13.76 18.97 2.63
N PRO B 151 14.67 19.87 2.23
CA PRO B 151 14.72 21.25 2.64
C PRO B 151 13.70 22.20 2.01
N LEU B 152 13.33 23.24 2.71
CA LEU B 152 12.30 24.19 2.37
C LEU B 152 12.51 24.87 1.00
N LEU B 153 11.42 25.00 0.24
CA LEU B 153 11.40 25.63 -1.05
C LEU B 153 10.92 27.07 -0.83
N SER B 154 11.20 27.97 -1.74
CA SER B 154 10.70 29.34 -1.59
C SER B 154 9.19 29.33 -1.35
N SER B 155 8.69 30.32 -0.64
CA SER B 155 7.27 30.46 -0.36
C SER B 155 6.44 30.93 -1.54
N GLU B 156 7.05 31.13 -2.71
CA GLU B 156 6.33 31.45 -3.92
C GLU B 156 5.73 30.15 -4.49
N LYS B 157 6.41 29.04 -4.20
CA LYS B 157 6.05 27.71 -4.66
C LYS B 157 4.76 27.22 -4.03
N LEU B 158 3.84 26.68 -4.82
CA LEU B 158 2.59 26.18 -4.23
C LEU B 158 1.94 25.22 -5.21
N ILE B 159 1.10 24.36 -4.67
CA ILE B 159 0.39 23.32 -5.39
C ILE B 159 -1.10 23.56 -5.24
N ALA B 160 -1.83 23.56 -6.37
CA ALA B 160 -3.27 23.78 -6.32
C ALA B 160 -3.93 22.53 -6.90
N ILE B 161 -4.90 22.01 -6.15
CA ILE B 161 -5.63 20.79 -6.46
C ILE B 161 -7.15 20.95 -6.42
N GLY B 162 -7.86 20.30 -7.34
CA GLY B 162 -9.33 20.28 -7.36
C GLY B 162 -9.86 18.86 -7.54
N ALA B 163 -10.98 18.55 -6.92
CA ALA B 163 -11.55 17.21 -6.99
C ALA B 163 -13.04 17.23 -6.68
N SER B 164 -13.65 16.08 -6.93
CA SER B 164 -15.07 15.89 -6.69
C SER B 164 -15.35 14.47 -6.20
N THR B 165 -16.19 13.74 -6.89
CA THR B 165 -16.52 12.40 -6.44
C THR B 165 -15.23 11.60 -6.47
N GLY B 166 -14.88 11.11 -5.28
CA GLY B 166 -13.67 10.31 -5.10
C GLY B 166 -12.51 11.10 -4.51
N GLY B 167 -12.58 12.41 -4.52
CA GLY B 167 -11.46 13.25 -4.11
C GLY B 167 -11.13 13.03 -2.64
N THR B 168 -12.09 12.50 -1.90
CA THR B 168 -11.98 12.20 -0.49
C THR B 168 -10.73 11.38 -0.23
N GLU B 169 -10.70 10.16 -0.77
CA GLU B 169 -9.57 9.27 -0.70
C GLU B 169 -8.41 9.73 -1.59
N ALA B 170 -8.78 10.22 -2.77
CA ALA B 170 -7.78 10.66 -3.74
C ALA B 170 -6.92 11.79 -3.19
N ILE B 171 -7.52 12.79 -2.53
CA ILE B 171 -6.66 13.83 -1.99
C ILE B 171 -5.78 13.23 -0.87
N ARG B 172 -6.28 12.18 -0.20
CA ARG B 172 -5.50 11.58 0.86
C ARG B 172 -4.26 10.89 0.28
N HIS B 173 -4.42 10.23 -0.87
CA HIS B 173 -3.27 9.58 -1.49
C HIS B 173 -2.21 10.57 -1.99
N VAL B 174 -2.66 11.81 -2.26
CA VAL B 174 -1.71 12.79 -2.75
C VAL B 174 -1.09 13.56 -1.61
N LEU B 175 -1.81 13.79 -0.53
CA LEU B 175 -1.31 14.49 0.64
C LEU B 175 -0.55 13.68 1.69
N GLN B 176 -1.05 12.49 1.98
CA GLN B 176 -0.53 11.60 2.98
C GLN B 176 0.97 11.34 2.91
N PRO B 177 1.56 11.06 1.78
CA PRO B 177 2.99 10.82 1.70
C PRO B 177 3.84 12.09 1.72
N LEU B 178 3.21 13.28 1.74
CA LEU B 178 4.01 14.48 1.71
C LEU B 178 4.72 14.75 3.05
N PRO B 179 5.96 15.18 3.00
CA PRO B 179 6.75 15.56 4.16
C PRO B 179 6.41 16.94 4.70
N LEU B 180 6.89 17.28 5.88
CA LEU B 180 6.62 18.53 6.57
C LEU B 180 7.15 19.75 5.84
N SER B 181 8.22 19.56 5.06
CA SER B 181 8.81 20.62 4.30
C SER B 181 8.18 20.94 2.94
N SER B 182 7.12 20.21 2.54
CA SER B 182 6.52 20.45 1.25
C SER B 182 5.96 21.87 1.15
N PRO B 183 5.96 22.43 -0.05
CA PRO B 183 5.35 23.74 -0.34
C PRO B 183 3.89 23.76 0.04
N ALA B 184 3.24 24.90 0.11
CA ALA B 184 1.83 24.98 0.46
C ALA B 184 0.99 24.28 -0.60
N VAL B 185 -0.15 23.75 -0.17
CA VAL B 185 -1.08 23.13 -1.10
C VAL B 185 -2.49 23.65 -0.81
N ILE B 186 -3.16 24.14 -1.87
CA ILE B 186 -4.51 24.67 -1.66
C ILE B 186 -5.47 23.78 -2.43
N ILE B 187 -6.55 23.37 -1.80
CA ILE B 187 -7.43 22.38 -2.37
C ILE B 187 -8.89 22.81 -2.34
N THR B 188 -9.47 22.73 -3.55
CA THR B 188 -10.93 22.94 -3.59
C THR B 188 -11.60 21.61 -3.92
N GLN B 189 -12.32 21.10 -2.91
CA GLN B 189 -13.07 19.86 -3.03
C GLN B 189 -14.57 20.21 -2.99
N HIS B 190 -15.31 19.92 -4.05
CA HIS B 190 -16.75 20.17 -4.07
C HIS B 190 -17.35 19.46 -2.86
N MET B 191 -17.86 20.22 -1.90
CA MET B 191 -18.45 19.63 -0.69
C MET B 191 -19.34 20.64 0.02
N PRO B 192 -20.35 20.18 0.73
CA PRO B 192 -21.26 21.01 1.49
C PRO B 192 -20.56 21.68 2.66
N PRO B 193 -21.20 22.68 3.26
CA PRO B 193 -20.70 23.35 4.44
C PRO B 193 -20.51 22.35 5.57
N GLY B 194 -19.60 22.67 6.51
CA GLY B 194 -19.37 21.80 7.66
C GLY B 194 -18.59 20.55 7.26
N PHE B 195 -19.02 19.84 6.23
CA PHE B 195 -18.31 18.65 5.78
C PHE B 195 -16.89 19.03 5.42
N THR B 196 -16.70 20.25 4.93
CA THR B 196 -15.36 20.66 4.50
C THR B 196 -14.41 20.70 5.71
N ARG B 197 -15.00 20.93 6.87
CA ARG B 197 -14.26 21.02 8.12
C ARG B 197 -13.87 19.66 8.68
N SER B 198 -14.84 18.78 8.87
CA SER B 198 -14.59 17.44 9.37
C SER B 198 -13.54 16.75 8.49
N PHE B 199 -13.60 17.08 7.20
CA PHE B 199 -12.71 16.48 6.21
C PHE B 199 -11.26 16.91 6.48
N ALA B 200 -11.08 18.21 6.57
CA ALA B 200 -9.77 18.79 6.83
C ALA B 200 -9.19 18.16 8.10
N GLU B 201 -10.02 18.14 9.14
CA GLU B 201 -9.61 17.63 10.45
C GLU B 201 -9.25 16.15 10.45
N ARG B 202 -9.82 15.39 9.51
CA ARG B 202 -9.46 13.98 9.39
C ARG B 202 -8.14 13.79 8.66
N LEU B 203 -7.86 14.61 7.66
CA LEU B 203 -6.64 14.55 6.86
C LEU B 203 -5.47 15.01 7.73
N ASN B 204 -5.80 16.07 8.48
CA ASN B 204 -4.89 16.62 9.46
C ASN B 204 -4.40 15.54 10.42
N LYS B 205 -5.29 14.60 10.69
CA LYS B 205 -5.02 13.52 11.61
C LYS B 205 -4.30 12.36 10.94
N LEU B 206 -4.26 12.33 9.60
CA LEU B 206 -3.63 11.24 8.87
C LEU B 206 -2.31 11.58 8.19
N CYS B 207 -2.08 12.86 7.89
CA CYS B 207 -0.90 13.30 7.18
C CYS B 207 0.14 13.90 8.11
N GLN B 208 1.37 13.97 7.63
CA GLN B 208 2.48 14.61 8.35
C GLN B 208 2.19 16.12 8.37
N ILE B 209 1.92 16.64 7.17
CA ILE B 209 1.68 18.07 7.02
C ILE B 209 0.42 18.43 7.80
N SER B 210 0.22 19.70 8.05
CA SER B 210 -0.99 20.18 8.72
C SER B 210 -2.08 20.44 7.68
N VAL B 211 -3.33 20.19 7.99
CA VAL B 211 -4.44 20.38 7.07
C VAL B 211 -5.55 21.12 7.81
N LYS B 212 -6.14 22.13 7.23
CA LYS B 212 -7.15 22.94 7.90
C LYS B 212 -8.10 23.55 6.87
N GLU B 213 -9.24 23.99 7.35
CA GLU B 213 -10.21 24.69 6.52
C GLU B 213 -9.66 26.10 6.35
N ALA B 214 -9.44 26.54 5.13
CA ALA B 214 -8.93 27.86 4.80
C ALA B 214 -9.71 29.04 5.40
N GLU B 215 -8.96 30.04 5.87
CA GLU B 215 -9.60 31.22 6.49
C GLU B 215 -9.24 32.47 5.70
N ASP B 216 -10.27 33.27 5.42
CA ASP B 216 -10.10 34.49 4.64
C ASP B 216 -8.97 35.36 5.16
N GLY B 217 -7.95 35.63 4.38
CA GLY B 217 -6.84 36.46 4.79
C GLY B 217 -5.67 35.77 5.46
N GLU B 218 -5.80 34.50 5.85
CA GLU B 218 -4.67 33.82 6.50
C GLU B 218 -3.52 33.66 5.52
N ARG B 219 -2.34 33.52 6.08
CA ARG B 219 -1.16 33.31 5.26
C ARG B 219 -1.09 31.93 4.62
N VAL B 220 -0.43 31.83 3.47
CA VAL B 220 -0.27 30.54 2.80
C VAL B 220 1.18 30.09 2.98
N LEU B 221 1.41 29.12 3.85
CA LEU B 221 2.78 28.69 4.15
C LEU B 221 3.06 27.21 3.90
N PRO B 222 4.32 26.86 3.73
CA PRO B 222 4.76 25.49 3.51
C PRO B 222 4.35 24.51 4.61
N GLY B 223 4.23 23.23 4.24
CA GLY B 223 3.86 22.21 5.22
C GLY B 223 2.40 22.36 5.64
N HIS B 224 1.53 22.92 4.81
CA HIS B 224 0.12 23.06 5.14
C HIS B 224 -0.76 22.82 3.89
N ALA B 225 -1.98 22.38 4.13
CA ALA B 225 -2.98 22.24 3.06
C ALA B 225 -4.20 23.06 3.49
N TYR B 226 -4.82 23.72 2.54
CA TYR B 226 -5.95 24.59 2.85
C TYR B 226 -7.15 24.08 2.06
N ILE B 227 -8.17 23.59 2.77
CA ILE B 227 -9.32 23.07 2.08
C ILE B 227 -10.32 24.23 1.95
N ALA B 228 -10.82 24.42 0.74
CA ALA B 228 -11.91 25.39 0.55
C ALA B 228 -13.11 25.00 1.40
N PRO B 229 -13.62 25.95 2.17
CA PRO B 229 -14.82 25.73 2.98
C PRO B 229 -16.05 25.54 2.09
N GLY B 230 -17.00 24.75 2.55
CA GLY B 230 -18.21 24.46 1.82
C GLY B 230 -19.11 25.66 1.66
N ASP B 231 -19.54 25.92 0.45
CA ASP B 231 -20.42 27.02 0.06
C ASP B 231 -19.82 28.40 -0.04
N LYS B 232 -18.54 28.50 -0.31
CA LYS B 232 -17.82 29.76 -0.46
C LYS B 232 -16.63 29.45 -1.39
N HIS B 233 -16.27 30.39 -2.25
CA HIS B 233 -15.18 30.17 -3.16
C HIS B 233 -13.89 30.55 -2.41
N MET B 234 -12.87 29.74 -2.60
CA MET B 234 -11.56 29.99 -2.02
C MET B 234 -10.68 30.36 -3.22
N GLU B 235 -9.73 31.25 -3.05
CA GLU B 235 -8.82 31.53 -4.15
C GLU B 235 -7.50 32.03 -3.58
N LEU B 236 -6.49 32.06 -4.43
CA LEU B 236 -5.20 32.58 -3.99
C LEU B 236 -5.21 34.09 -4.26
N ALA B 237 -4.84 34.89 -3.28
CA ALA B 237 -4.72 36.34 -3.40
C ALA B 237 -3.27 36.69 -3.07
N ARG B 238 -2.95 37.98 -3.14
CA ARG B 238 -1.59 38.43 -2.94
C ARG B 238 -1.44 39.74 -2.19
N SER B 239 -1.34 39.65 -0.87
CA SER B 239 -1.11 40.84 -0.06
C SER B 239 0.39 41.11 -0.03
N GLY B 240 0.79 42.27 -0.57
CA GLY B 240 2.18 42.68 -0.58
C GLY B 240 3.00 41.60 -1.28
N ALA B 241 4.09 41.16 -0.65
CA ALA B 241 4.95 40.13 -1.21
C ALA B 241 4.48 38.71 -0.94
N ASN B 242 3.42 38.58 -0.13
CA ASN B 242 3.00 37.23 0.22
C ASN B 242 1.58 36.83 -0.21
N TYR B 243 1.43 35.52 -0.25
CA TYR B 243 0.20 34.88 -0.63
C TYR B 243 -0.74 34.82 0.57
N GLN B 244 -2.01 35.00 0.30
CA GLN B 244 -2.97 34.85 1.37
C GLN B 244 -4.15 34.08 0.78
N ILE B 245 -5.02 33.63 1.67
CA ILE B 245 -6.23 32.96 1.24
C ILE B 245 -7.26 34.09 1.04
N LYS B 246 -8.06 33.94 -0.01
CA LYS B 246 -9.15 34.85 -0.29
C LYS B 246 -10.44 34.03 -0.26
N ILE B 247 -11.34 34.38 0.65
CA ILE B 247 -12.60 33.69 0.79
C ILE B 247 -13.76 34.62 0.42
N HIS B 248 -14.40 34.34 -0.71
CA HIS B 248 -15.54 35.17 -1.13
C HIS B 248 -16.78 34.33 -1.39
N ASP B 249 -17.92 35.01 -1.29
CA ASP B 249 -19.23 34.43 -1.46
C ASP B 249 -19.86 34.85 -2.78
N GLY B 250 -19.21 34.72 -3.91
CA GLY B 250 -19.69 35.03 -5.25
C GLY B 250 -20.62 33.97 -5.82
N PRO B 251 -21.12 34.10 -7.03
CA PRO B 251 -22.07 33.13 -7.57
C PRO B 251 -21.36 31.86 -7.96
N PRO B 252 -22.06 30.74 -7.93
CA PRO B 252 -21.51 29.47 -8.34
C PRO B 252 -20.81 29.55 -9.69
N VAL B 253 -19.86 28.65 -9.89
CA VAL B 253 -19.10 28.53 -11.13
C VAL B 253 -19.03 27.05 -11.46
N ASN B 254 -19.48 26.72 -12.68
CA ASN B 254 -19.63 25.34 -13.14
C ASN B 254 -20.54 24.65 -12.14
N ARG B 255 -21.51 25.44 -11.70
CA ARG B 255 -22.53 24.99 -10.77
C ARG B 255 -22.04 24.55 -9.40
N HIS B 256 -20.80 24.93 -9.10
CA HIS B 256 -20.20 24.61 -7.80
C HIS B 256 -19.73 25.87 -7.09
N ARG B 257 -20.00 25.95 -5.78
CA ARG B 257 -19.57 27.12 -5.01
C ARG B 257 -18.07 26.99 -4.81
N PRO B 258 -17.63 26.21 -3.83
CA PRO B 258 -16.18 25.98 -3.83
C PRO B 258 -15.99 25.47 -5.27
N SER B 259 -15.52 26.34 -6.15
CA SER B 259 -15.29 25.97 -7.54
C SER B 259 -13.80 25.85 -7.91
N VAL B 260 -13.48 24.78 -8.64
CA VAL B 260 -12.13 24.49 -9.06
C VAL B 260 -11.59 25.53 -10.02
N ASP B 261 -12.44 26.09 -10.87
CA ASP B 261 -11.99 27.13 -11.80
C ASP B 261 -11.65 28.43 -11.10
N VAL B 262 -12.48 28.78 -10.13
CA VAL B 262 -12.23 30.02 -9.39
C VAL B 262 -10.85 29.92 -8.76
N LEU B 263 -10.56 28.71 -8.23
CA LEU B 263 -9.28 28.54 -7.56
C LEU B 263 -8.14 28.55 -8.56
N PHE B 264 -8.29 27.76 -9.63
CA PHE B 264 -7.26 27.68 -10.66
C PHE B 264 -6.97 29.03 -11.30
N HIS B 265 -8.03 29.74 -11.71
CA HIS B 265 -7.78 31.06 -12.31
C HIS B 265 -6.95 31.98 -11.40
N SER B 266 -7.11 31.92 -10.07
CA SER B 266 -6.35 32.77 -9.16
C SER B 266 -4.90 32.34 -8.98
N VAL B 267 -4.66 31.04 -9.08
CA VAL B 267 -3.30 30.52 -8.95
C VAL B 267 -2.51 30.94 -10.19
N ALA B 268 -3.21 30.74 -11.32
CA ALA B 268 -2.62 31.05 -12.63
C ALA B 268 -2.15 32.50 -12.63
N LYS B 269 -2.99 33.29 -12.01
CA LYS B 269 -2.83 34.72 -11.86
C LYS B 269 -1.72 35.09 -10.89
N HIS B 270 -1.89 34.68 -9.62
CA HIS B 270 -0.92 35.08 -8.60
C HIS B 270 0.34 34.26 -8.45
N ALA B 271 0.30 32.98 -8.76
CA ALA B 271 1.46 32.11 -8.64
C ALA B 271 2.13 31.87 -9.99
N GLY B 272 1.31 31.86 -11.05
CA GLY B 272 1.79 31.58 -12.38
C GLY B 272 2.59 30.28 -12.44
N ARG B 273 3.76 30.36 -13.02
CA ARG B 273 4.71 29.30 -13.20
C ARG B 273 5.39 28.92 -11.88
N ASN B 274 4.89 29.47 -10.77
CA ASN B 274 5.44 29.04 -9.50
C ASN B 274 4.48 28.03 -8.86
N ALA B 275 3.51 27.56 -9.64
CA ALA B 275 2.53 26.61 -9.14
C ALA B 275 2.55 25.31 -9.94
N VAL B 276 1.99 24.28 -9.36
CA VAL B 276 1.81 22.96 -9.95
C VAL B 276 0.31 22.72 -9.73
N GLY B 277 -0.40 22.37 -10.77
CA GLY B 277 -1.86 22.21 -10.69
C GLY B 277 -2.10 20.69 -10.87
N VAL B 278 -3.04 20.20 -10.09
CA VAL B 278 -3.45 18.82 -10.06
C VAL B 278 -4.94 18.68 -10.16
N ILE B 279 -5.47 17.95 -11.14
CA ILE B 279 -6.93 17.74 -11.25
C ILE B 279 -7.19 16.27 -10.95
N LEU B 280 -8.06 15.95 -10.02
CA LEU B 280 -8.36 14.59 -9.61
C LEU B 280 -9.81 14.23 -9.95
N THR B 281 -10.11 12.95 -9.80
CA THR B 281 -11.40 12.35 -9.97
C THR B 281 -12.54 13.33 -9.67
N GLY B 282 -13.59 13.21 -10.49
CA GLY B 282 -14.79 14.03 -10.29
C GLY B 282 -15.59 14.13 -11.58
N MET B 283 -16.89 14.34 -11.40
CA MET B 283 -17.82 14.46 -12.52
C MET B 283 -17.91 15.89 -13.03
N GLY B 284 -17.93 16.08 -14.35
CA GLY B 284 -18.09 17.44 -14.87
C GLY B 284 -16.84 18.06 -15.43
N ASN B 285 -16.89 19.39 -15.59
CA ASN B 285 -15.75 20.12 -16.14
C ASN B 285 -15.21 21.25 -15.29
N ASP B 286 -15.56 21.26 -13.98
CA ASP B 286 -14.99 22.29 -13.11
C ASP B 286 -13.47 22.01 -13.01
N GLY B 287 -12.64 23.02 -13.22
CA GLY B 287 -11.21 23.00 -13.18
C GLY B 287 -10.55 23.00 -14.53
N ALA B 288 -11.26 22.61 -15.58
CA ALA B 288 -10.69 22.50 -16.92
C ALA B 288 -10.16 23.79 -17.53
N ALA B 289 -10.94 24.84 -17.56
CA ALA B 289 -10.49 26.12 -18.12
C ALA B 289 -9.44 26.77 -17.23
N GLY B 290 -9.61 26.61 -15.92
CA GLY B 290 -8.66 27.16 -14.95
C GLY B 290 -7.25 26.55 -15.02
N MET B 291 -7.18 25.25 -15.31
CA MET B 291 -5.88 24.57 -15.49
C MET B 291 -5.24 25.00 -16.80
N LEU B 292 -6.11 25.22 -17.79
CA LEU B 292 -5.55 25.71 -19.07
C LEU B 292 -4.91 27.07 -18.75
N ALA B 293 -5.66 27.91 -18.00
CA ALA B 293 -5.09 29.20 -17.66
C ALA B 293 -3.77 29.03 -16.89
N MET B 294 -3.75 28.07 -15.94
CA MET B 294 -2.55 27.86 -15.14
C MET B 294 -1.42 27.39 -16.04
N TYR B 295 -1.82 26.58 -17.01
CA TYR B 295 -0.85 26.03 -17.97
C TYR B 295 -0.14 27.10 -18.80
N GLN B 296 -0.94 28.00 -19.38
CA GLN B 296 -0.37 29.07 -20.19
C GLN B 296 0.63 29.91 -19.39
N ALA B 297 0.21 30.26 -18.18
CA ALA B 297 0.99 31.04 -17.25
C ALA B 297 2.24 30.34 -16.74
N GLY B 298 2.50 29.15 -17.26
CA GLY B 298 3.72 28.41 -16.96
C GLY B 298 3.70 27.30 -15.93
N ALA B 299 2.55 26.93 -15.40
CA ALA B 299 2.49 25.88 -14.39
C ALA B 299 2.52 24.49 -15.00
N TRP B 300 3.18 23.57 -14.30
CA TRP B 300 3.15 22.14 -14.66
C TRP B 300 1.78 21.60 -14.19
N THR B 301 1.04 20.96 -15.07
CA THR B 301 -0.30 20.49 -14.68
C THR B 301 -0.42 18.98 -14.77
N ILE B 302 -1.08 18.39 -13.80
CA ILE B 302 -1.22 16.95 -13.68
C ILE B 302 -2.71 16.57 -13.65
N ALA B 303 -3.01 15.47 -14.34
CA ALA B 303 -4.41 14.98 -14.37
C ALA B 303 -4.47 13.54 -13.88
N GLN B 304 -5.41 13.22 -13.00
CA GLN B 304 -5.43 11.81 -12.55
C GLN B 304 -5.82 10.93 -13.75
N ASN B 305 -5.14 9.83 -13.97
CA ASN B 305 -5.36 8.95 -15.10
C ASN B 305 -6.72 8.26 -15.05
N GLU B 306 -7.23 7.75 -16.15
CA GLU B 306 -8.57 7.15 -16.17
C GLU B 306 -8.73 5.94 -15.26
N ALA B 307 -7.71 5.10 -15.20
CA ALA B 307 -7.76 3.86 -14.45
C ALA B 307 -7.90 4.09 -12.95
N SER B 308 -7.17 5.00 -12.37
CA SER B 308 -7.25 5.24 -10.94
C SER B 308 -8.45 6.12 -10.60
N CYS B 309 -9.14 6.66 -11.62
CA CYS B 309 -10.29 7.51 -11.32
C CYS B 309 -11.55 6.72 -11.07
N VAL B 310 -12.31 7.09 -10.05
CA VAL B 310 -13.62 6.43 -9.84
C VAL B 310 -14.61 7.16 -10.76
N VAL B 311 -14.26 8.38 -11.14
CA VAL B 311 -15.01 9.18 -12.11
C VAL B 311 -14.01 10.05 -12.87
N PHE B 312 -13.85 9.82 -14.17
CA PHE B 312 -12.82 10.48 -14.96
C PHE B 312 -13.20 11.83 -15.56
N GLY B 313 -14.40 12.32 -15.35
CA GLY B 313 -14.90 13.56 -15.88
C GLY B 313 -13.99 14.77 -15.86
N MET B 314 -13.79 15.32 -14.67
CA MET B 314 -12.96 16.49 -14.44
C MET B 314 -11.59 16.37 -15.05
N PRO B 315 -10.83 15.31 -14.83
CA PRO B 315 -9.50 15.21 -15.40
C PRO B 315 -9.53 15.22 -16.92
N ARG B 316 -10.55 14.51 -17.44
CA ARG B 316 -10.76 14.33 -18.84
C ARG B 316 -10.96 15.64 -19.62
N GLU B 317 -11.88 16.43 -19.10
CA GLU B 317 -12.21 17.74 -19.58
C GLU B 317 -10.98 18.66 -19.53
N ALA B 318 -10.14 18.49 -18.49
CA ALA B 318 -8.94 19.30 -18.41
C ALA B 318 -8.02 18.94 -19.58
N ILE B 319 -7.84 17.64 -19.78
CA ILE B 319 -7.02 17.13 -20.84
C ILE B 319 -7.51 17.55 -22.23
N ASN B 320 -8.83 17.59 -22.40
CA ASN B 320 -9.44 17.86 -23.69
C ASN B 320 -9.45 19.36 -23.95
N MET B 321 -9.02 20.17 -22.99
CA MET B 321 -8.92 21.61 -23.22
C MET B 321 -7.47 21.97 -23.52
N GLY B 322 -6.57 21.00 -23.51
CA GLY B 322 -5.17 21.25 -23.84
C GLY B 322 -4.24 21.83 -22.79
N GLY B 323 -4.57 21.71 -21.52
CA GLY B 323 -3.73 22.29 -20.47
C GLY B 323 -3.24 21.33 -19.41
N VAL B 324 -2.86 20.14 -19.82
CA VAL B 324 -2.42 19.11 -18.90
C VAL B 324 -1.06 18.68 -19.43
N SER B 325 -0.01 18.98 -18.69
CA SER B 325 1.33 18.55 -19.08
C SER B 325 1.45 17.02 -19.11
N GLU B 326 0.85 16.33 -18.14
CA GLU B 326 0.99 14.88 -18.04
C GLU B 326 -0.13 14.27 -17.20
N VAL B 327 -0.55 13.11 -17.61
CA VAL B 327 -1.59 12.30 -16.99
C VAL B 327 -0.84 11.34 -16.07
N VAL B 328 -1.23 11.33 -14.79
CA VAL B 328 -0.46 10.45 -13.88
C VAL B 328 -1.38 9.52 -13.11
N ASP B 329 -0.90 8.33 -12.76
CA ASP B 329 -1.65 7.40 -11.92
C ASP B 329 -1.71 7.99 -10.50
N LEU B 330 -2.86 7.91 -9.85
CA LEU B 330 -2.97 8.48 -8.50
C LEU B 330 -1.81 8.14 -7.58
N SER B 331 -1.37 6.90 -7.59
CA SER B 331 -0.38 6.46 -6.58
C SER B 331 0.97 7.08 -6.85
N GLN B 332 1.05 7.85 -7.90
CA GLN B 332 2.26 8.53 -8.36
C GLN B 332 2.13 10.04 -8.27
N VAL B 333 0.91 10.49 -7.98
CA VAL B 333 0.68 11.94 -8.01
C VAL B 333 1.42 12.70 -6.92
N SER B 334 1.43 12.24 -5.68
CA SER B 334 2.08 12.95 -4.61
C SER B 334 3.56 13.23 -4.92
N GLN B 335 4.21 12.21 -5.45
CA GLN B 335 5.62 12.21 -5.81
C GLN B 335 5.91 13.08 -7.04
N GLN B 336 5.11 12.98 -8.10
CA GLN B 336 5.23 13.85 -9.25
C GLN B 336 5.03 15.33 -8.93
N MET B 337 4.04 15.72 -8.14
CA MET B 337 3.82 17.12 -7.82
C MET B 337 4.94 17.68 -6.97
N LEU B 338 5.49 16.82 -6.10
CA LEU B 338 6.60 17.22 -5.25
C LEU B 338 7.86 17.39 -6.10
N ALA B 339 8.07 16.42 -7.00
CA ALA B 339 9.27 16.49 -7.83
C ALA B 339 9.24 17.63 -8.81
N LYS B 340 8.13 17.96 -9.43
CA LYS B 340 8.06 19.07 -10.38
C LYS B 340 8.10 20.45 -9.72
N ILE B 341 7.47 20.59 -8.57
CA ILE B 341 7.51 21.86 -7.82
C ILE B 341 8.90 22.12 -7.22
N SER B 342 9.64 21.04 -7.03
CA SER B 342 10.97 21.10 -6.44
C SER B 342 12.10 21.32 -7.42
N ALA B 343 11.92 20.97 -8.67
CA ALA B 343 12.93 21.09 -9.71
C ALA B 343 13.41 22.51 -9.95
N GLY B 344 14.74 22.65 -10.00
CA GLY B 344 15.41 23.94 -10.12
C GLY B 344 15.19 24.82 -8.89
N GLN B 345 14.07 25.54 -8.93
CA GLN B 345 13.63 26.42 -7.86
C GLN B 345 14.20 27.83 -7.94
N ALA B 346 14.10 28.52 -6.80
CA ALA B 346 14.58 29.88 -6.60
C ALA B 346 16.08 29.89 -6.39
N ILE B 347 16.79 30.25 -7.45
CA ILE B 347 18.26 30.31 -7.46
C ILE B 347 18.68 31.41 -8.41
#